data_3OA2
#
_entry.id   3OA2
#
_cell.length_a   73.215
_cell.length_b   129.562
_cell.length_c   145.237
_cell.angle_alpha   90.00
_cell.angle_beta   90.00
_cell.angle_gamma   90.00
#
_symmetry.space_group_name_H-M   'P 21 21 21'
#
loop_
_entity.id
_entity.type
_entity.pdbx_description
1 polymer WbpB
2 non-polymer NICOTINAMIDE-ADENINE-DINUCLEOTIDE
3 water water
#
_entity_poly.entity_id   1
_entity_poly.type   'polypeptide(L)'
_entity_poly.pdbx_seq_one_letter_code
;GHMKNFALIGAAGYIAPRHMRAIKDTGNCLVSAYDINDSVGIIDSISPQSEFFTEFEFFLDHASNLKRDSATALDYVSIC
SPNYLHYPHIAAGLRLGCDVICEKPLVPTPEMLDQLAVIERETDKRLYNILQLRHHQAIIALKDKVAREKSPHKYEVDLT
YITSRGNWYLKSWKGDPRKSFGVATNIGVHFYDMLHFIFGKLQRNVVHFTSEYKTAGYLEYEQARVRWFLSVDANDLPES
VKGKKPTYRSITVNGEEMEFSEGFTDLHTTSYEEILAGRGYGIDDARHCVETVNTIRSAVIVPASDNEGHPFVAALAR
;
_entity_poly.pdbx_strand_id   A,B,C,D
#
# COMPACT_ATOMS: atom_id res chain seq x y z
N MET A 3 -20.21 14.32 -25.27
CA MET A 3 -21.01 13.23 -25.87
C MET A 3 -20.67 11.74 -25.71
N LYS A 4 -19.40 11.32 -25.65
CA LYS A 4 -19.16 9.96 -25.13
C LYS A 4 -18.64 10.08 -23.71
N ASN A 5 -19.02 9.14 -22.86
CA ASN A 5 -18.52 9.12 -21.46
C ASN A 5 -17.34 8.17 -21.29
N PHE A 6 -16.27 8.68 -20.71
CA PHE A 6 -15.04 7.90 -20.51
C PHE A 6 -14.77 7.70 -19.02
N ALA A 7 -14.09 6.60 -18.71
CA ALA A 7 -13.36 6.45 -17.44
C ALA A 7 -11.87 6.27 -17.78
N LEU A 8 -11.01 6.67 -16.83
CA LEU A 8 -9.57 6.57 -17.05
C LEU A 8 -8.95 5.84 -15.85
N ILE A 9 -8.35 4.67 -16.12
CA ILE A 9 -7.66 3.89 -15.11
C ILE A 9 -6.15 4.17 -15.22
N GLY A 10 -5.52 4.45 -14.08
CA GLY A 10 -4.14 4.90 -14.03
C GLY A 10 -3.98 6.39 -14.18
N ALA A 11 -5.03 7.11 -13.78
CA ALA A 11 -5.21 8.55 -14.06
C ALA A 11 -4.15 9.47 -13.39
N ALA A 12 -3.45 8.99 -12.36
CA ALA A 12 -2.46 9.86 -11.66
C ALA A 12 -1.02 9.78 -12.22
N GLY A 13 -0.81 8.98 -13.27
CA GLY A 13 0.52 8.65 -13.73
C GLY A 13 1.03 9.60 -14.82
N TYR A 14 2.17 9.25 -15.39
CA TYR A 14 2.89 10.12 -16.35
C TYR A 14 2.12 10.38 -17.64
N ILE A 15 1.63 9.32 -18.26
CA ILE A 15 1.02 9.44 -19.59
C ILE A 15 -0.47 9.83 -19.50
N ALA A 16 -1.05 9.67 -18.31
CA ALA A 16 -2.46 9.94 -18.14
C ALA A 16 -2.99 11.25 -18.66
N PRO A 17 -2.26 12.35 -18.41
CA PRO A 17 -2.82 13.63 -18.83
C PRO A 17 -3.00 13.69 -20.33
N ARG A 18 -2.24 12.90 -21.09
CA ARG A 18 -2.44 12.90 -22.55
C ARG A 18 -3.76 12.26 -22.94
N HIS A 19 -4.22 11.31 -22.13
CA HIS A 19 -5.51 10.72 -22.36
C HIS A 19 -6.60 11.70 -21.92
N MET A 20 -6.45 12.35 -20.77
CA MET A 20 -7.41 13.37 -20.36
C MET A 20 -7.59 14.43 -21.46
N ARG A 21 -6.49 14.86 -22.07
CA ARG A 21 -6.56 15.87 -23.12
C ARG A 21 -7.22 15.30 -24.36
N ALA A 22 -6.94 14.04 -24.71
CA ALA A 22 -7.55 13.41 -25.89
C ALA A 22 -9.06 13.34 -25.74
N ILE A 23 -9.54 13.02 -24.54
CA ILE A 23 -10.94 12.93 -24.23
C ILE A 23 -11.60 14.30 -24.39
N LYS A 24 -10.92 15.30 -23.84
CA LYS A 24 -11.45 16.65 -23.82
C LYS A 24 -11.44 17.18 -25.25
N ASP A 25 -10.37 16.94 -25.99
CA ASP A 25 -10.22 17.61 -27.29
C ASP A 25 -11.01 16.94 -28.42
N THR A 26 -11.57 15.76 -28.16
CA THR A 26 -12.45 15.09 -29.12
C THR A 26 -13.92 15.39 -28.74
N GLY A 27 -14.10 16.31 -27.80
CA GLY A 27 -15.43 16.74 -27.31
C GLY A 27 -16.21 15.78 -26.44
N ASN A 28 -15.46 14.99 -25.69
CA ASN A 28 -16.06 13.96 -24.88
C ASN A 28 -15.84 14.27 -23.40
N CYS A 29 -16.32 13.39 -22.52
CA CYS A 29 -16.42 13.72 -21.09
CA CYS A 29 -16.48 13.70 -21.09
C CYS A 29 -15.73 12.65 -20.27
N LEU A 30 -14.83 13.06 -19.36
CA LEU A 30 -14.17 12.06 -18.45
C LEU A 30 -15.01 12.12 -17.20
N VAL A 31 -15.78 11.07 -16.97
CA VAL A 31 -16.70 11.08 -15.87
C VAL A 31 -16.18 10.37 -14.63
N SER A 32 -15.20 9.49 -14.79
CA SER A 32 -14.67 8.73 -13.65
C SER A 32 -13.22 8.39 -13.86
N ALA A 33 -12.45 8.35 -12.79
CA ALA A 33 -11.01 8.13 -12.89
C ALA A 33 -10.63 7.25 -11.69
N TYR A 34 -9.65 6.37 -11.88
CA TYR A 34 -9.24 5.51 -10.79
C TYR A 34 -7.73 5.43 -10.79
N ASP A 35 -7.08 5.61 -9.62
CA ASP A 35 -5.65 5.33 -9.55
C ASP A 35 -5.42 4.98 -8.08
N ILE A 36 -4.57 3.99 -7.79
CA ILE A 36 -4.23 3.67 -6.38
C ILE A 36 -3.48 4.77 -5.64
N ASN A 37 -2.93 5.73 -6.38
CA ASN A 37 -2.28 6.92 -5.80
C ASN A 37 -3.16 8.11 -5.99
N ASP A 38 -3.23 8.92 -4.96
CA ASP A 38 -4.23 9.99 -4.87
C ASP A 38 -3.72 11.36 -5.32
N SER A 39 -2.48 11.44 -5.79
CA SER A 39 -1.92 12.69 -6.19
C SER A 39 -2.27 12.93 -7.64
N VAL A 40 -3.50 13.37 -7.90
CA VAL A 40 -4.10 13.34 -9.24
C VAL A 40 -4.74 14.67 -9.62
N GLY A 41 -4.41 15.72 -8.87
CA GLY A 41 -5.08 17.01 -8.99
C GLY A 41 -5.02 17.71 -10.35
N ILE A 42 -4.09 17.29 -11.21
CA ILE A 42 -4.03 17.71 -12.61
C ILE A 42 -5.39 17.50 -13.28
N ILE A 43 -6.18 16.54 -12.79
CA ILE A 43 -7.50 16.30 -13.39
C ILE A 43 -8.43 17.55 -13.35
N ASP A 44 -8.32 18.39 -12.32
CA ASP A 44 -9.19 19.55 -12.18
C ASP A 44 -8.96 20.56 -13.33
N SER A 45 -7.77 20.58 -13.91
CA SER A 45 -7.45 21.51 -14.99
C SER A 45 -8.08 21.10 -16.32
N ILE A 46 -8.57 19.86 -16.39
CA ILE A 46 -9.04 19.32 -17.66
C ILE A 46 -10.46 18.83 -17.51
N SER A 47 -10.71 18.07 -16.44
CA SER A 47 -12.05 17.52 -16.18
C SER A 47 -12.48 17.72 -14.74
N PRO A 48 -12.87 18.95 -14.41
CA PRO A 48 -13.09 19.22 -13.01
C PRO A 48 -14.32 18.56 -12.40
N GLN A 49 -15.14 17.87 -13.20
CA GLN A 49 -16.34 17.30 -12.66
C GLN A 49 -16.19 15.77 -12.58
N SER A 50 -15.00 15.26 -12.95
CA SER A 50 -14.82 13.78 -12.90
C SER A 50 -14.88 13.22 -11.48
N GLU A 51 -15.48 12.02 -11.31
CA GLU A 51 -15.38 11.33 -9.99
C GLU A 51 -13.94 10.76 -9.96
N PHE A 52 -13.48 10.42 -8.77
CA PHE A 52 -12.17 9.84 -8.64
C PHE A 52 -12.19 8.82 -7.53
N PHE A 53 -11.47 7.72 -7.72
CA PHE A 53 -11.42 6.61 -6.71
C PHE A 53 -9.99 6.13 -6.55
N THR A 54 -9.63 5.67 -5.34
CA THR A 54 -8.30 5.08 -5.14
C THR A 54 -8.36 3.56 -4.99
N GLU A 55 -9.59 3.02 -4.91
CA GLU A 55 -9.71 1.57 -4.73
C GLU A 55 -10.63 1.01 -5.82
N PHE A 56 -10.21 -0.06 -6.49
CA PHE A 56 -10.97 -0.58 -7.64
C PHE A 56 -12.42 -0.90 -7.23
N GLU A 57 -12.62 -1.42 -6.01
CA GLU A 57 -13.96 -1.83 -5.58
C GLU A 57 -14.95 -0.65 -5.70
N PHE A 58 -14.51 0.53 -5.31
CA PHE A 58 -15.42 1.70 -5.30
C PHE A 58 -15.57 2.20 -6.73
N PHE A 59 -14.49 2.15 -7.52
CA PHE A 59 -14.60 2.55 -8.92
C PHE A 59 -15.63 1.68 -9.62
N LEU A 60 -15.59 0.38 -9.40
CA LEU A 60 -16.44 -0.55 -10.08
C LEU A 60 -17.89 -0.35 -9.73
N ASP A 61 -18.16 -0.14 -8.45
CA ASP A 61 -19.53 0.11 -8.01
C ASP A 61 -20.08 1.37 -8.68
N HIS A 62 -19.33 2.45 -8.64
CA HIS A 62 -19.77 3.70 -9.29
C HIS A 62 -20.03 3.49 -10.79
N ALA A 63 -19.15 2.75 -11.46
CA ALA A 63 -19.30 2.57 -12.90
C ALA A 63 -20.53 1.74 -13.19
N SER A 64 -20.81 0.78 -12.30
CA SER A 64 -22.00 -0.05 -12.45
C SER A 64 -23.28 0.77 -12.20
N ASN A 65 -23.23 1.69 -11.25
CA ASN A 65 -24.41 2.55 -11.00
C ASN A 65 -24.68 3.48 -12.20
N LEU A 66 -23.65 3.91 -12.88
CA LEU A 66 -23.84 4.80 -14.03
C LEU A 66 -24.60 4.11 -15.14
N LYS A 67 -24.51 2.79 -15.21
CA LYS A 67 -25.20 1.99 -16.23
C LYS A 67 -26.73 2.09 -16.20
N ARG A 68 -27.27 2.56 -15.08
CA ARG A 68 -28.72 2.55 -14.90
C ARG A 68 -29.43 3.51 -15.85
N ASP A 69 -28.70 4.50 -16.36
CA ASP A 69 -29.29 5.58 -17.18
C ASP A 69 -28.44 5.68 -18.44
N SER A 70 -29.03 5.49 -19.60
CA SER A 70 -28.18 5.49 -20.77
C SER A 70 -27.41 6.82 -20.97
N ALA A 71 -27.89 7.92 -20.42
CA ALA A 71 -27.18 9.19 -20.54
C ALA A 71 -25.87 9.27 -19.73
N THR A 72 -25.86 8.58 -18.59
CA THR A 72 -24.68 8.54 -17.74
C THR A 72 -23.77 7.33 -17.97
N ALA A 73 -24.25 6.27 -18.66
CA ALA A 73 -23.45 5.04 -18.82
C ALA A 73 -22.09 5.30 -19.45
N LEU A 74 -21.06 4.64 -18.91
CA LEU A 74 -19.77 4.72 -19.53
C LEU A 74 -19.81 4.14 -20.96
N ASP A 75 -19.18 4.85 -21.89
CA ASP A 75 -18.96 4.30 -23.26
C ASP A 75 -17.61 3.64 -23.48
N TYR A 76 -16.56 4.26 -22.93
CA TYR A 76 -15.18 3.78 -23.08
C TYR A 76 -14.48 3.75 -21.74
N VAL A 77 -13.63 2.76 -21.56
CA VAL A 77 -12.64 2.76 -20.46
C VAL A 77 -11.26 2.84 -21.06
N SER A 78 -10.52 3.88 -20.68
CA SER A 78 -9.14 4.09 -21.12
C SER A 78 -8.16 3.64 -20.05
N ILE A 79 -7.09 2.98 -20.50
CA ILE A 79 -6.21 2.32 -19.52
C ILE A 79 -4.76 2.75 -19.71
N CYS A 80 -4.19 3.33 -18.67
CA CYS A 80 -2.77 3.61 -18.64
CA CYS A 80 -2.76 3.62 -18.61
C CYS A 80 -2.11 3.14 -17.35
N SER A 81 -2.50 1.98 -16.90
CA SER A 81 -1.89 1.36 -15.73
C SER A 81 -0.61 0.62 -16.10
N PRO A 82 0.12 0.13 -15.11
CA PRO A 82 1.29 -0.68 -15.43
C PRO A 82 1.00 -1.90 -16.32
N ASN A 83 2.00 -2.35 -17.10
CA ASN A 83 1.76 -3.31 -18.17
C ASN A 83 1.02 -4.59 -17.71
N TYR A 84 1.44 -5.18 -16.56
CA TYR A 84 0.83 -6.41 -16.10
C TYR A 84 -0.62 -6.25 -15.69
N LEU A 85 -1.06 -5.01 -15.47
CA LEU A 85 -2.47 -4.82 -15.07
C LEU A 85 -3.34 -4.52 -16.31
N HIS A 86 -2.77 -4.44 -17.50
CA HIS A 86 -3.60 -4.16 -18.67
C HIS A 86 -4.62 -5.25 -18.84
N TYR A 87 -4.23 -6.50 -18.76
CA TYR A 87 -5.18 -7.58 -19.01
C TYR A 87 -6.46 -7.52 -18.13
N PRO A 88 -6.33 -7.49 -16.81
CA PRO A 88 -7.53 -7.47 -15.98
C PRO A 88 -8.26 -6.16 -16.05
N HIS A 89 -7.55 -5.07 -16.30
CA HIS A 89 -8.28 -3.79 -16.51
C HIS A 89 -9.12 -3.83 -17.78
N ILE A 90 -8.58 -4.39 -18.87
CA ILE A 90 -9.33 -4.51 -20.11
C ILE A 90 -10.53 -5.43 -19.84
N ALA A 91 -10.31 -6.56 -19.19
CA ALA A 91 -11.40 -7.52 -18.95
C ALA A 91 -12.55 -6.87 -18.20
N ALA A 92 -12.21 -6.11 -17.15
CA ALA A 92 -13.25 -5.43 -16.38
C ALA A 92 -13.96 -4.39 -17.24
N GLY A 93 -13.22 -3.65 -18.07
CA GLY A 93 -13.80 -2.66 -18.92
C GLY A 93 -14.83 -3.24 -19.86
N LEU A 94 -14.45 -4.31 -20.57
CA LEU A 94 -15.36 -4.98 -21.53
C LEU A 94 -16.54 -5.54 -20.76
N ARG A 95 -16.30 -6.12 -19.57
CA ARG A 95 -17.40 -6.67 -18.79
C ARG A 95 -18.35 -5.65 -18.12
N LEU A 96 -17.94 -4.39 -18.07
CA LEU A 96 -18.82 -3.31 -17.66
C LEU A 96 -19.71 -2.84 -18.82
N GLY A 97 -19.48 -3.38 -20.01
CA GLY A 97 -20.24 -3.01 -21.21
C GLY A 97 -19.67 -1.83 -21.94
N CYS A 98 -18.34 -1.66 -21.85
CA CYS A 98 -17.61 -0.55 -22.45
C CYS A 98 -16.67 -1.05 -23.50
N ASP A 99 -16.47 -0.30 -24.58
CA ASP A 99 -15.30 -0.47 -25.39
C ASP A 99 -14.11 0.00 -24.58
N VAL A 100 -12.95 -0.54 -24.92
CA VAL A 100 -11.75 -0.25 -24.14
C VAL A 100 -10.62 0.33 -25.03
N ILE A 101 -9.91 1.34 -24.52
CA ILE A 101 -8.74 1.90 -25.20
C ILE A 101 -7.53 1.66 -24.28
N CYS A 102 -6.55 0.90 -24.75
CA CYS A 102 -5.47 0.50 -23.82
C CYS A 102 -4.12 0.93 -24.35
N GLU A 103 -3.25 1.41 -23.47
CA GLU A 103 -1.86 1.74 -23.87
C GLU A 103 -1.07 0.54 -24.31
N LYS A 104 0.01 0.80 -25.04
CA LYS A 104 0.99 -0.25 -25.41
C LYS A 104 1.95 -0.44 -24.23
N PRO A 105 2.57 -1.63 -24.13
CA PRO A 105 2.30 -2.88 -24.81
C PRO A 105 0.94 -3.34 -24.36
N LEU A 106 0.15 -3.82 -25.31
CA LEU A 106 -1.23 -4.13 -25.01
C LEU A 106 -1.22 -5.18 -23.92
N VAL A 107 -0.65 -6.34 -24.24
CA VAL A 107 -0.40 -7.43 -23.31
C VAL A 107 0.88 -8.14 -23.77
N PRO A 108 1.46 -9.00 -22.93
CA PRO A 108 2.79 -9.52 -23.31
C PRO A 108 2.79 -10.74 -24.22
N THR A 109 1.71 -11.51 -24.29
CA THR A 109 1.73 -12.78 -25.05
C THR A 109 0.58 -12.91 -26.03
N PRO A 110 0.77 -13.71 -27.08
CA PRO A 110 -0.33 -13.90 -28.01
C PRO A 110 -1.45 -14.69 -27.38
N GLU A 111 -1.15 -15.57 -26.42
CA GLU A 111 -2.20 -16.32 -25.72
C GLU A 111 -3.13 -15.37 -24.95
N MET A 112 -2.56 -14.31 -24.38
CA MET A 112 -3.40 -13.28 -23.74
C MET A 112 -4.29 -12.59 -24.76
N LEU A 113 -3.79 -12.38 -25.97
CA LEU A 113 -4.66 -11.80 -27.00
C LEU A 113 -5.81 -12.70 -27.35
N ASP A 114 -5.57 -14.01 -27.40
CA ASP A 114 -6.65 -14.92 -27.71
C ASP A 114 -7.70 -14.90 -26.60
N GLN A 115 -7.21 -14.82 -25.35
CA GLN A 115 -8.10 -14.75 -24.21
C GLN A 115 -8.99 -13.47 -24.26
N LEU A 116 -8.39 -12.31 -24.60
CA LEU A 116 -9.13 -11.03 -24.63
C LEU A 116 -10.15 -11.12 -25.78
N ALA A 117 -9.80 -11.76 -26.89
CA ALA A 117 -10.82 -11.88 -27.95
C ALA A 117 -12.04 -12.72 -27.53
N VAL A 118 -11.83 -13.74 -26.70
CA VAL A 118 -12.98 -14.47 -26.09
C VAL A 118 -13.85 -13.51 -25.29
N ILE A 119 -13.20 -12.61 -24.58
CA ILE A 119 -14.00 -11.70 -23.79
C ILE A 119 -14.76 -10.72 -24.69
N GLU A 120 -14.11 -10.22 -25.73
CA GLU A 120 -14.88 -9.44 -26.72
C GLU A 120 -16.17 -10.12 -27.15
N ARG A 121 -16.05 -11.41 -27.44
CA ARG A 121 -17.17 -12.16 -27.93
C ARG A 121 -18.24 -12.38 -26.88
N GLU A 122 -17.85 -12.46 -25.62
CA GLU A 122 -18.83 -12.69 -24.58
C GLU A 122 -19.55 -11.39 -24.25
N THR A 123 -18.85 -10.27 -24.43
CA THR A 123 -19.40 -8.97 -23.98
C THR A 123 -19.98 -8.15 -25.12
N ASP A 124 -19.68 -8.52 -26.38
CA ASP A 124 -20.04 -7.70 -27.55
C ASP A 124 -19.48 -6.29 -27.47
N LYS A 125 -18.28 -6.19 -26.87
CA LYS A 125 -17.55 -4.93 -26.89
C LYS A 125 -16.17 -5.15 -27.51
N ARG A 126 -15.49 -4.04 -27.80
CA ARG A 126 -14.24 -4.06 -28.53
C ARG A 126 -13.09 -3.45 -27.75
N LEU A 127 -11.90 -4.06 -27.93
CA LEU A 127 -10.64 -3.52 -27.42
C LEU A 127 -9.85 -2.80 -28.49
N TYR A 128 -9.47 -1.57 -28.21
CA TYR A 128 -8.57 -0.83 -29.13
C TYR A 128 -7.25 -0.53 -28.44
N ASN A 129 -6.19 -0.38 -29.23
CA ASN A 129 -4.82 -0.27 -28.67
C ASN A 129 -4.19 0.98 -29.28
N ILE A 130 -3.33 1.66 -28.53
CA ILE A 130 -2.63 2.86 -28.96
C ILE A 130 -1.38 2.39 -29.71
N LEU A 131 -1.41 2.56 -31.03
CA LEU A 131 -0.25 2.32 -31.89
C LEU A 131 0.03 3.60 -32.68
N GLN A 132 0.46 4.64 -31.96
CA GLN A 132 0.31 5.99 -32.46
C GLN A 132 1.32 6.34 -33.56
N LEU A 133 2.39 5.56 -33.70
CA LEU A 133 3.36 5.79 -34.79
C LEU A 133 2.76 5.57 -36.19
N ARG A 134 1.73 4.75 -36.28
CA ARG A 134 1.03 4.53 -37.55
C ARG A 134 0.37 5.82 -38.03
N HIS A 135 0.23 6.80 -37.14
CA HIS A 135 -0.55 7.99 -37.47
C HIS A 135 0.40 9.07 -37.94
N HIS A 136 1.69 8.76 -37.90
CA HIS A 136 2.76 9.67 -38.21
C HIS A 136 2.92 9.84 -39.72
N GLN A 137 2.70 11.06 -40.21
CA GLN A 137 2.75 11.35 -41.64
C GLN A 137 3.94 10.68 -42.31
N ALA A 138 5.06 10.60 -41.60
CA ALA A 138 6.32 10.12 -42.19
C ALA A 138 6.36 8.58 -42.37
N ILE A 139 5.72 7.88 -41.45
CA ILE A 139 5.60 6.43 -41.51
C ILE A 139 4.61 6.00 -42.60
N ILE A 140 3.47 6.70 -42.67
CA ILE A 140 2.47 6.45 -43.70
C ILE A 140 3.10 6.65 -45.08
N ALA A 141 3.85 7.74 -45.23
CA ALA A 141 4.56 7.96 -46.50
C ALA A 141 5.49 6.81 -46.88
N LEU A 142 6.32 6.35 -45.95
CA LEU A 142 7.21 5.23 -46.25
C LEU A 142 6.51 3.90 -46.54
N LYS A 143 5.41 3.62 -45.83
CA LYS A 143 4.61 2.42 -46.11
C LYS A 143 4.18 2.34 -47.57
N ASP A 144 3.60 3.42 -48.07
CA ASP A 144 3.14 3.36 -49.45
C ASP A 144 4.25 3.51 -50.49
N LYS A 145 5.29 4.27 -50.17
CA LYS A 145 6.49 4.28 -50.99
C LYS A 145 6.94 2.85 -51.17
N VAL A 146 7.16 2.16 -50.06
CA VAL A 146 7.63 0.80 -50.08
C VAL A 146 6.73 -0.15 -50.88
N ALA A 147 5.42 0.06 -50.85
CA ALA A 147 4.49 -0.94 -51.39
C ALA A 147 4.24 -0.79 -52.90
N ARG A 148 4.56 0.37 -53.45
CA ARG A 148 4.33 0.59 -54.87
C ARG A 148 5.54 0.14 -55.68
N GLU A 149 6.73 0.50 -55.22
CA GLU A 149 7.96 -0.05 -55.76
C GLU A 149 7.90 -1.56 -55.78
N SER A 151 9.91 -2.92 -55.28
CA SER A 151 11.36 -3.07 -55.32
C SER A 151 11.74 -4.54 -55.14
N PRO A 152 12.71 -5.01 -55.91
CA PRO A 152 13.08 -6.43 -55.84
C PRO A 152 13.92 -6.72 -54.60
N HIS A 153 14.45 -5.66 -53.99
CA HIS A 153 15.49 -5.79 -52.99
C HIS A 153 14.93 -5.34 -51.66
N LYS A 154 15.56 -5.78 -50.56
CA LYS A 154 15.11 -5.32 -49.26
C LYS A 154 15.75 -3.98 -48.89
N TYR A 155 15.04 -3.20 -48.06
CA TYR A 155 15.62 -2.03 -47.40
C TYR A 155 16.51 -2.42 -46.23
N GLU A 156 17.70 -1.81 -46.15
CA GLU A 156 18.60 -1.97 -45.01
C GLU A 156 18.24 -0.91 -43.95
N VAL A 157 17.81 -1.32 -42.76
CA VAL A 157 17.30 -0.35 -41.77
C VAL A 157 18.08 -0.50 -40.48
N ASP A 158 18.51 0.60 -39.89
CA ASP A 158 19.10 0.57 -38.54
C ASP A 158 18.16 1.42 -37.68
N LEU A 159 17.75 0.89 -36.54
CA LEU A 159 16.81 1.58 -35.67
C LEU A 159 17.54 1.74 -34.34
N THR A 160 17.57 2.97 -33.83
CA THR A 160 18.27 3.25 -32.56
C THR A 160 17.37 4.12 -31.70
N TYR A 161 17.08 3.67 -30.48
CA TYR A 161 16.30 4.48 -29.59
C TYR A 161 16.91 4.41 -28.21
N ILE A 162 17.44 5.56 -27.78
CA ILE A 162 18.09 5.67 -26.50
C ILE A 162 17.45 6.81 -25.74
N THR A 163 16.89 6.47 -24.59
CA THR A 163 16.09 7.45 -23.89
C THR A 163 16.50 7.41 -22.44
N SER A 164 17.21 8.46 -22.01
CA SER A 164 17.85 8.54 -20.70
C SER A 164 16.83 8.35 -19.60
N ARG A 165 17.15 7.43 -18.69
CA ARG A 165 16.35 7.23 -17.48
C ARG A 165 17.27 7.14 -16.30
N GLY A 166 16.96 7.89 -15.24
CA GLY A 166 17.77 7.82 -14.06
C GLY A 166 17.47 6.61 -13.19
N ASN A 167 18.02 6.65 -11.98
CA ASN A 167 17.93 5.59 -11.01
C ASN A 167 16.48 5.14 -10.71
N TRP A 168 15.56 6.10 -10.72
CA TRP A 168 14.14 5.84 -10.40
C TRP A 168 13.53 4.78 -11.29
N TYR A 169 13.92 4.75 -12.56
CA TYR A 169 13.24 3.91 -13.54
C TYR A 169 13.26 2.44 -13.13
N LEU A 170 14.41 1.88 -12.80
CA LEU A 170 14.47 0.48 -12.40
C LEU A 170 13.93 0.21 -10.96
N LYS A 171 13.79 1.26 -10.16
CA LYS A 171 13.08 1.19 -8.88
C LYS A 171 11.56 1.13 -9.03
N SER A 172 11.06 1.61 -10.16
CA SER A 172 9.61 1.59 -10.46
C SER A 172 9.17 0.24 -10.98
N TRP A 173 7.85 0.09 -11.16
CA TRP A 173 7.34 -1.11 -11.84
C TRP A 173 8.01 -1.34 -13.20
N LYS A 174 8.54 -0.30 -13.86
CA LYS A 174 9.17 -0.44 -15.20
C LYS A 174 10.42 -1.33 -15.10
N GLY A 175 10.95 -1.48 -13.89
CA GLY A 175 12.14 -2.30 -13.67
C GLY A 175 11.87 -3.70 -13.15
N ASP A 176 10.61 -4.01 -12.90
CA ASP A 176 10.24 -5.35 -12.45
C ASP A 176 9.79 -6.11 -13.67
N PRO A 177 10.54 -7.14 -14.09
CA PRO A 177 10.24 -7.96 -15.28
C PRO A 177 8.82 -8.52 -15.27
N ARG A 178 8.28 -8.81 -14.10
CA ARG A 178 6.95 -9.40 -14.04
C ARG A 178 5.86 -8.38 -14.14
N LYS A 179 6.23 -7.10 -14.01
CA LYS A 179 5.23 -6.04 -14.15
C LYS A 179 5.37 -5.35 -15.49
N SER A 180 6.58 -5.27 -16.02
CA SER A 180 6.89 -4.45 -17.22
C SER A 180 7.00 -5.32 -18.48
N PHE A 181 7.40 -6.56 -18.26
CA PHE A 181 7.75 -7.55 -19.30
C PHE A 181 9.01 -7.26 -20.08
N GLY A 182 9.83 -6.35 -19.56
CA GLY A 182 11.22 -6.25 -20.02
C GLY A 182 11.37 -5.10 -20.99
N VAL A 183 12.61 -4.68 -21.24
CA VAL A 183 12.90 -3.53 -22.12
C VAL A 183 12.32 -3.58 -23.52
N ALA A 184 12.50 -4.68 -24.23
CA ALA A 184 12.00 -4.80 -25.61
C ALA A 184 10.50 -4.56 -25.66
N THR A 185 9.80 -5.18 -24.72
CA THR A 185 8.33 -5.08 -24.66
C THR A 185 7.83 -3.71 -24.20
N ASN A 186 8.43 -3.16 -23.15
CA ASN A 186 8.01 -1.88 -22.57
C ASN A 186 8.38 -0.69 -23.44
N ILE A 187 9.64 -0.63 -23.87
CA ILE A 187 10.18 0.52 -24.60
C ILE A 187 10.07 0.36 -26.12
N GLY A 188 10.12 -0.86 -26.62
CA GLY A 188 10.29 -1.12 -28.07
C GLY A 188 9.06 -1.51 -28.89
N VAL A 189 8.01 -1.95 -28.21
CA VAL A 189 6.89 -2.56 -28.89
C VAL A 189 6.33 -1.69 -30.05
N HIS A 190 6.24 -0.38 -29.88
CA HIS A 190 5.59 0.39 -30.95
C HIS A 190 6.55 0.62 -32.13
N PHE A 191 7.85 0.46 -31.91
CA PHE A 191 8.80 0.44 -33.03
C PHE A 191 8.65 -0.82 -33.84
N TYR A 192 8.51 -1.97 -33.16
CA TYR A 192 8.38 -3.21 -33.90
C TYR A 192 7.07 -3.19 -34.68
N ASP A 193 6.04 -2.59 -34.09
CA ASP A 193 4.78 -2.47 -34.83
C ASP A 193 4.98 -1.65 -36.07
N MET A 194 5.67 -0.54 -35.92
CA MET A 194 5.92 0.34 -37.04
C MET A 194 6.64 -0.42 -38.17
N LEU A 195 7.61 -1.24 -37.81
CA LEU A 195 8.39 -1.91 -38.84
C LEU A 195 7.52 -2.89 -39.60
N HIS A 196 6.69 -3.63 -38.89
CA HIS A 196 5.65 -4.46 -39.51
C HIS A 196 4.70 -3.69 -40.45
N PHE A 197 4.19 -2.57 -39.94
CA PHE A 197 3.27 -1.69 -40.68
C PHE A 197 3.88 -1.35 -42.04
N ILE A 198 5.17 -1.07 -42.03
CA ILE A 198 5.85 -0.64 -43.26
C ILE A 198 6.37 -1.79 -44.13
N PHE A 199 7.03 -2.78 -43.51
CA PHE A 199 7.85 -3.75 -44.24
C PHE A 199 7.33 -5.19 -44.33
N GLY A 200 6.14 -5.45 -43.77
CA GLY A 200 5.45 -6.72 -43.93
C GLY A 200 5.65 -7.74 -42.82
N LYS A 201 5.53 -9.01 -43.18
CA LYS A 201 5.60 -10.09 -42.22
C LYS A 201 7.05 -10.34 -41.77
N LEU A 202 7.19 -10.66 -40.51
CA LEU A 202 8.49 -11.00 -39.93
C LEU A 202 8.93 -12.43 -40.29
N GLN A 203 10.16 -12.59 -40.80
CA GLN A 203 10.66 -13.91 -41.19
C GLN A 203 11.68 -14.48 -40.22
N ARG A 204 12.49 -13.62 -39.60
CA ARG A 204 13.55 -14.04 -38.67
C ARG A 204 13.71 -13.03 -37.52
N ASN A 205 14.01 -13.51 -36.32
CA ASN A 205 13.99 -12.66 -35.16
C ASN A 205 15.13 -13.18 -34.28
N VAL A 206 16.21 -12.40 -34.19
CA VAL A 206 17.42 -12.85 -33.50
C VAL A 206 17.75 -11.80 -32.44
N VAL A 207 18.19 -12.23 -31.25
CA VAL A 207 18.58 -11.30 -30.19
C VAL A 207 20.08 -11.44 -29.88
N HIS A 208 20.77 -10.31 -29.86
CA HIS A 208 22.22 -10.27 -29.62
C HIS A 208 22.62 -9.85 -28.22
N PHE A 209 21.79 -9.03 -27.57
CA PHE A 209 22.12 -8.49 -26.24
C PHE A 209 20.84 -8.21 -25.49
N THR A 210 20.83 -8.52 -24.20
CA THR A 210 19.71 -8.11 -23.35
C THR A 210 20.18 -7.94 -21.93
N SER A 211 19.73 -6.83 -21.31
CA SER A 211 20.00 -6.54 -19.90
C SER A 211 18.80 -5.76 -19.41
N GLU A 212 18.76 -5.38 -18.15
CA GLU A 212 17.63 -4.59 -17.76
C GLU A 212 17.67 -3.14 -18.29
N TYR A 213 18.78 -2.75 -18.93
CA TYR A 213 18.96 -1.35 -19.35
C TYR A 213 18.79 -1.23 -20.85
N LYS A 214 19.04 -2.31 -21.57
CA LYS A 214 19.11 -2.20 -23.02
C LYS A 214 18.96 -3.52 -23.71
N THR A 215 18.75 -3.46 -25.02
CA THR A 215 18.70 -4.66 -25.82
C THR A 215 19.04 -4.43 -27.28
N ALA A 216 19.43 -5.48 -28.00
CA ALA A 216 19.72 -5.31 -29.42
C ALA A 216 19.51 -6.63 -30.12
N GLY A 217 19.12 -6.53 -31.38
CA GLY A 217 19.01 -7.72 -32.20
C GLY A 217 18.81 -7.37 -33.66
N TYR A 218 18.21 -8.32 -34.38
CA TYR A 218 18.11 -8.25 -35.82
C TYR A 218 16.80 -8.90 -36.20
N LEU A 219 16.02 -8.19 -37.01
CA LEU A 219 14.75 -8.67 -37.54
C LEU A 219 14.83 -8.67 -39.05
N GLU A 220 14.32 -9.72 -39.67
CA GLU A 220 14.22 -9.73 -41.12
C GLU A 220 12.76 -9.82 -41.52
N TYR A 221 12.31 -8.86 -42.31
CA TYR A 221 10.94 -8.83 -42.78
C TYR A 221 10.98 -9.11 -44.27
N GLU A 222 9.81 -9.39 -44.82
CA GLU A 222 9.68 -9.52 -46.25
C GLU A 222 10.42 -8.42 -47.01
N GLN A 223 10.35 -7.17 -46.54
CA GLN A 223 10.95 -6.07 -47.32
C GLN A 223 12.14 -5.36 -46.67
N ALA A 224 12.69 -5.91 -45.58
CA ALA A 224 13.71 -5.19 -44.83
C ALA A 224 14.56 -6.10 -43.98
N ARG A 225 15.82 -5.70 -43.84
CA ARG A 225 16.73 -6.26 -42.86
C ARG A 225 16.95 -5.15 -41.83
N VAL A 226 16.67 -5.44 -40.56
CA VAL A 226 16.60 -4.36 -39.57
C VAL A 226 17.51 -4.69 -38.42
N ARG A 227 18.48 -3.82 -38.13
CA ARG A 227 19.34 -3.97 -36.95
C ARG A 227 18.83 -2.97 -35.93
N TRP A 228 18.51 -3.44 -34.72
CA TRP A 228 17.90 -2.50 -33.75
C TRP A 228 18.64 -2.49 -32.40
N PHE A 229 18.56 -1.34 -31.74
CA PHE A 229 19.18 -1.13 -30.43
C PHE A 229 18.25 -0.24 -29.62
N LEU A 230 17.93 -0.67 -28.40
CA LEU A 230 17.10 0.11 -27.47
C LEU A 230 17.78 0.22 -26.16
N SER A 231 17.62 1.38 -25.50
CA SER A 231 18.37 1.61 -24.27
C SER A 231 17.74 2.74 -23.46
N VAL A 232 17.73 2.55 -22.14
CA VAL A 232 17.45 3.63 -21.20
C VAL A 232 18.70 4.12 -20.49
N ASP A 233 19.86 3.71 -21.00
CA ASP A 233 21.15 4.10 -20.41
C ASP A 233 21.76 5.33 -21.10
N ALA A 234 21.84 6.45 -20.38
CA ALA A 234 22.30 7.70 -20.96
C ALA A 234 23.72 7.59 -21.52
N ASN A 235 24.49 6.63 -21.01
CA ASN A 235 25.89 6.43 -21.49
C ASN A 235 25.92 5.96 -22.95
N ASP A 236 24.80 5.45 -23.43
CA ASP A 236 24.72 4.93 -24.80
C ASP A 236 24.45 6.05 -25.80
N LEU A 237 24.23 7.26 -25.32
CA LEU A 237 23.89 8.35 -26.23
C LEU A 237 25.13 8.60 -27.10
N PRO A 238 24.94 8.99 -28.37
CA PRO A 238 26.07 9.48 -29.16
C PRO A 238 26.72 10.70 -28.51
N GLU A 239 28.03 10.85 -28.68
CA GLU A 239 28.76 11.91 -28.01
C GLU A 239 28.19 13.29 -28.30
N SER A 240 27.71 13.53 -29.51
CA SER A 240 27.25 14.87 -29.88
C SER A 240 25.95 15.25 -29.18
N VAL A 241 25.19 14.24 -28.76
CA VAL A 241 23.89 14.45 -28.13
C VAL A 241 24.04 14.56 -26.61
N LYS A 242 25.01 13.86 -26.04
CA LYS A 242 25.21 13.93 -24.60
C LYS A 242 25.30 15.39 -24.08
N GLY A 243 24.43 15.75 -23.15
CA GLY A 243 24.44 17.08 -22.56
C GLY A 243 23.49 18.03 -23.25
N LYS A 244 23.02 17.65 -24.44
CA LYS A 244 22.15 18.51 -25.23
C LYS A 244 20.71 18.04 -25.19
N LYS A 245 20.51 16.75 -25.45
CA LYS A 245 19.19 16.14 -25.30
C LYS A 245 19.33 14.77 -24.62
N PRO A 246 18.29 14.36 -23.88
CA PRO A 246 18.28 13.12 -23.11
C PRO A 246 17.82 11.90 -23.94
N THR A 247 17.29 12.15 -25.13
CA THR A 247 16.79 11.10 -26.02
C THR A 247 17.41 11.20 -27.41
N TYR A 248 17.80 10.06 -27.96
CA TYR A 248 18.26 9.94 -29.33
C TYR A 248 17.43 8.89 -30.07
N ARG A 249 16.81 9.29 -31.17
CA ARG A 249 15.96 8.38 -31.91
C ARG A 249 16.44 8.47 -33.33
N SER A 250 16.92 7.36 -33.90
CA SER A 250 17.37 7.34 -35.31
C SER A 250 16.78 6.13 -36.04
N ILE A 251 16.17 6.36 -37.20
CA ILE A 251 15.82 5.24 -38.06
C ILE A 251 16.37 5.56 -39.45
N THR A 252 17.37 4.81 -39.89
CA THR A 252 17.91 4.98 -41.24
C THR A 252 17.44 3.89 -42.17
N VAL A 253 17.14 4.30 -43.40
CA VAL A 253 16.58 3.42 -44.41
C VAL A 253 17.52 3.56 -45.57
N ASN A 254 18.28 2.49 -45.85
CA ASN A 254 19.31 2.54 -46.89
C ASN A 254 20.26 3.72 -46.66
N GLY A 255 20.66 3.90 -45.40
CA GLY A 255 21.59 4.94 -45.01
C GLY A 255 21.03 6.35 -44.84
N GLU A 256 19.75 6.56 -45.14
CA GLU A 256 19.15 7.89 -45.06
C GLU A 256 18.26 8.03 -43.84
N GLU A 257 18.47 9.10 -43.06
CA GLU A 257 17.72 9.37 -41.85
C GLU A 257 16.23 9.60 -42.13
N MET A 258 15.34 8.84 -41.51
CA MET A 258 13.91 9.07 -41.66
C MET A 258 13.53 10.46 -41.12
N GLU A 259 12.61 11.10 -41.82
CA GLU A 259 12.20 12.47 -41.53
C GLU A 259 11.25 12.53 -40.34
N PHE A 260 11.75 12.86 -39.16
CA PHE A 260 10.89 12.84 -37.99
C PHE A 260 10.29 14.10 -37.42
N ASP A 266 0.49 15.05 -29.13
CA ASP A 266 -0.65 15.19 -30.03
C ASP A 266 -1.13 13.89 -30.71
N LEU A 267 -0.27 12.90 -30.79
CA LEU A 267 -0.66 11.68 -31.48
C LEU A 267 -1.71 10.92 -30.66
N HIS A 268 -1.83 11.23 -29.36
CA HIS A 268 -2.91 10.59 -28.55
C HIS A 268 -4.28 11.13 -28.96
N THR A 269 -4.36 12.41 -29.26
CA THR A 269 -5.67 12.93 -29.61
C THR A 269 -6.05 12.33 -30.97
N THR A 270 -5.11 12.29 -31.90
CA THR A 270 -5.32 11.56 -33.16
C THR A 270 -5.74 10.11 -32.99
N SER A 271 -5.08 9.36 -32.08
CA SER A 271 -5.48 7.95 -31.88
C SER A 271 -6.94 7.91 -31.42
N TYR A 272 -7.32 8.78 -30.51
CA TYR A 272 -8.71 8.80 -30.05
C TYR A 272 -9.70 9.19 -31.19
N GLU A 273 -9.38 10.19 -31.99
CA GLU A 273 -10.22 10.53 -33.17
C GLU A 273 -10.41 9.30 -34.07
N GLU A 274 -9.34 8.58 -34.36
CA GLU A 274 -9.44 7.38 -35.16
C GLU A 274 -10.32 6.31 -34.60
N ILE A 275 -10.17 6.02 -33.29
CA ILE A 275 -11.02 5.05 -32.69
C ILE A 275 -12.51 5.49 -32.76
N LEU A 276 -12.79 6.77 -32.46
CA LEU A 276 -14.13 7.30 -32.46
C LEU A 276 -14.72 7.34 -33.88
N ALA A 277 -13.84 7.37 -34.87
CA ALA A 277 -14.28 7.25 -36.28
C ALA A 277 -14.42 5.80 -36.83
N GLY A 278 -14.34 4.79 -35.96
CA GLY A 278 -14.39 3.40 -36.39
C GLY A 278 -13.17 2.88 -37.11
N ARG A 279 -12.04 3.60 -36.98
CA ARG A 279 -10.81 3.18 -37.57
C ARG A 279 -9.79 2.76 -36.52
N GLY A 280 -10.23 2.39 -35.32
CA GLY A 280 -9.27 1.99 -34.28
C GLY A 280 -8.56 0.69 -34.56
N TYR A 281 -7.42 0.49 -33.90
CA TYR A 281 -6.60 -0.71 -34.08
C TYR A 281 -6.98 -1.73 -33.01
N GLY A 282 -7.32 -2.95 -33.39
CA GLY A 282 -7.80 -4.02 -32.51
C GLY A 282 -6.76 -5.09 -32.23
N ILE A 283 -7.23 -6.16 -31.61
CA ILE A 283 -6.39 -7.33 -31.34
C ILE A 283 -5.69 -7.86 -32.59
N ASP A 284 -6.41 -7.93 -33.72
CA ASP A 284 -5.77 -8.42 -34.95
C ASP A 284 -4.61 -7.52 -35.40
N ASP A 285 -4.72 -6.21 -35.22
CA ASP A 285 -3.64 -5.28 -35.58
C ASP A 285 -2.47 -5.36 -34.63
N ALA A 286 -2.71 -5.52 -33.33
CA ALA A 286 -1.61 -5.58 -32.36
C ALA A 286 -0.94 -6.95 -32.33
N ARG A 287 -1.55 -7.98 -32.92
CA ARG A 287 -1.02 -9.32 -32.72
C ARG A 287 0.42 -9.43 -33.26
N HIS A 288 0.71 -8.84 -34.41
CA HIS A 288 2.08 -8.96 -34.87
C HIS A 288 3.15 -8.44 -33.89
N CYS A 289 2.99 -7.25 -33.33
CA CYS A 289 4.05 -6.72 -32.48
C CYS A 289 4.11 -7.48 -31.17
N VAL A 290 2.97 -7.98 -30.72
CA VAL A 290 2.94 -8.79 -29.49
C VAL A 290 3.72 -10.09 -29.73
N GLU A 291 3.56 -10.70 -30.90
CA GLU A 291 4.32 -11.92 -31.22
C GLU A 291 5.81 -11.62 -31.24
N THR A 292 6.18 -10.51 -31.88
CA THR A 292 7.58 -10.13 -32.02
C THR A 292 8.25 -9.93 -30.67
N VAL A 293 7.64 -9.16 -29.76
CA VAL A 293 8.28 -8.93 -28.45
C VAL A 293 8.22 -10.20 -27.55
N ASN A 294 7.16 -10.97 -27.66
CA ASN A 294 7.08 -12.25 -26.97
C ASN A 294 8.25 -13.14 -27.31
N THR A 295 8.63 -13.19 -28.58
CA THR A 295 9.82 -13.92 -29.01
C THR A 295 11.10 -13.35 -28.45
N ILE A 296 11.26 -12.03 -28.54
CA ILE A 296 12.45 -11.36 -28.07
C ILE A 296 12.60 -11.66 -26.56
N ARG A 297 11.50 -11.56 -25.80
CA ARG A 297 11.57 -11.71 -24.34
C ARG A 297 12.14 -13.05 -23.92
N SER A 298 11.84 -14.10 -24.69
CA SER A 298 12.16 -15.46 -24.31
C SER A 298 13.40 -16.01 -25.04
N ALA A 299 13.99 -15.19 -25.92
CA ALA A 299 15.01 -15.69 -26.86
C ALA A 299 16.33 -16.02 -26.16
N VAL A 300 17.04 -17.03 -26.67
CA VAL A 300 18.42 -17.25 -26.28
C VAL A 300 19.30 -16.33 -27.11
N ILE A 301 20.15 -15.56 -26.44
CA ILE A 301 21.10 -14.68 -27.10
C ILE A 301 22.08 -15.45 -27.99
N VAL A 302 22.32 -14.94 -29.20
CA VAL A 302 23.33 -15.53 -30.06
C VAL A 302 24.35 -14.49 -30.51
N PRO A 303 25.60 -14.91 -30.70
CA PRO A 303 26.51 -13.95 -31.34
C PRO A 303 25.97 -13.48 -32.68
N ALA A 304 26.25 -12.21 -32.98
CA ALA A 304 25.89 -11.61 -34.25
C ALA A 304 26.69 -12.22 -35.37
N SER A 305 26.05 -12.50 -36.48
CA SER A 305 26.83 -12.94 -37.61
C SER A 305 26.76 -11.96 -38.75
N ASP A 306 27.05 -12.50 -39.92
CA ASP A 306 26.79 -11.87 -41.21
C ASP A 306 26.52 -10.36 -41.13
N ASN A 307 27.28 -9.62 -40.31
CA ASN A 307 27.01 -8.19 -40.09
C ASN A 307 25.61 -7.81 -39.53
N GLU A 308 24.95 -8.74 -38.85
CA GLU A 308 23.58 -8.51 -38.41
C GLU A 308 23.56 -7.74 -37.09
N GLY A 309 24.74 -7.50 -36.51
CA GLY A 309 24.79 -6.72 -35.27
C GLY A 309 24.61 -5.23 -35.51
N HIS A 310 23.70 -4.65 -34.76
CA HIS A 310 23.64 -3.20 -34.70
C HIS A 310 25.01 -2.67 -34.29
N PRO A 311 25.42 -1.53 -34.86
CA PRO A 311 26.78 -1.07 -34.61
C PRO A 311 27.06 -0.82 -33.12
N PHE A 312 26.03 -0.53 -32.32
CA PHE A 312 26.25 -0.07 -30.94
C PHE A 312 26.51 -1.25 -30.04
N VAL A 313 26.27 -2.45 -30.57
CA VAL A 313 26.49 -3.69 -29.84
C VAL A 313 27.99 -3.92 -29.63
N ALA A 314 28.72 -4.00 -30.72
CA ALA A 314 30.16 -3.82 -30.70
C ALA A 314 30.62 -3.09 -29.43
N MET B 3 -19.29 -28.92 -3.06
CA MET B 3 -20.72 -28.92 -3.47
C MET B 3 -21.32 -27.56 -3.86
N LYS B 4 -21.23 -26.53 -3.02
CA LYS B 4 -21.38 -25.18 -3.52
C LYS B 4 -19.98 -24.56 -3.57
N ASN B 5 -19.78 -23.63 -4.50
CA ASN B 5 -18.48 -22.96 -4.66
C ASN B 5 -18.47 -21.56 -4.03
N PHE B 6 -17.47 -21.31 -3.20
CA PHE B 6 -17.30 -20.05 -2.45
C PHE B 6 -16.04 -19.33 -2.84
N ALA B 7 -16.12 -18.02 -2.82
CA ALA B 7 -14.92 -17.16 -2.77
C ALA B 7 -14.90 -16.43 -1.43
N LEU B 8 -13.72 -16.07 -0.98
CA LEU B 8 -13.62 -15.40 0.30
C LEU B 8 -12.78 -14.14 0.16
N ILE B 9 -13.34 -12.99 0.54
CA ILE B 9 -12.74 -11.66 0.46
C ILE B 9 -12.34 -11.26 1.87
N GLY B 10 -11.06 -10.88 2.05
CA GLY B 10 -10.55 -10.61 3.42
C GLY B 10 -9.90 -11.85 4.04
N ALA B 11 -9.43 -12.75 3.18
CA ALA B 11 -9.00 -14.13 3.59
C ALA B 11 -7.81 -14.19 4.51
N ALA B 12 -7.01 -13.12 4.59
CA ALA B 12 -5.78 -13.14 5.39
C ALA B 12 -5.99 -12.60 6.82
N GLY B 13 -7.23 -12.24 7.16
CA GLY B 13 -7.46 -11.55 8.44
C GLY B 13 -7.83 -12.45 9.59
N TYR B 14 -8.22 -11.83 10.67
CA TYR B 14 -8.50 -12.50 11.95
C TYR B 14 -9.71 -13.45 11.93
N ILE B 15 -10.86 -13.02 11.40
CA ILE B 15 -12.07 -13.82 11.42
C ILE B 15 -12.09 -14.82 10.24
N ALA B 16 -11.28 -14.56 9.21
CA ALA B 16 -11.40 -15.31 7.96
C ALA B 16 -11.34 -16.84 8.18
N PRO B 17 -10.42 -17.35 9.03
CA PRO B 17 -10.35 -18.81 9.16
C PRO B 17 -11.67 -19.41 9.66
N ARG B 18 -12.47 -18.68 10.42
CA ARG B 18 -13.82 -19.23 10.76
C ARG B 18 -14.71 -19.47 9.55
N HIS B 19 -14.61 -18.57 8.56
CA HIS B 19 -15.34 -18.75 7.33
C HIS B 19 -14.78 -19.92 6.49
N MET B 20 -13.46 -20.03 6.39
CA MET B 20 -12.83 -21.16 5.68
C MET B 20 -13.30 -22.47 6.34
N ARG B 21 -13.33 -22.51 7.68
CA ARG B 21 -13.79 -23.71 8.40
C ARG B 21 -15.27 -23.98 8.19
N ALA B 22 -16.07 -22.95 8.11
CA ALA B 22 -17.49 -23.15 7.89
C ALA B 22 -17.76 -23.73 6.51
N ILE B 23 -17.03 -23.22 5.51
CA ILE B 23 -17.19 -23.71 4.14
C ILE B 23 -16.78 -25.19 4.05
N LYS B 24 -15.66 -25.54 4.68
CA LYS B 24 -15.19 -26.92 4.65
C LYS B 24 -16.13 -27.84 5.38
N ASP B 25 -16.53 -27.46 6.59
CA ASP B 25 -17.35 -28.30 7.47
C ASP B 25 -18.79 -28.54 6.98
N THR B 26 -19.29 -27.65 6.13
CA THR B 26 -20.59 -27.84 5.48
C THR B 26 -20.54 -28.61 4.16
N GLY B 27 -19.34 -29.03 3.79
CA GLY B 27 -19.11 -29.90 2.63
C GLY B 27 -18.98 -29.11 1.34
N ASN B 28 -18.48 -27.88 1.46
CA ASN B 28 -18.43 -27.05 0.27
C ASN B 28 -17.00 -26.71 -0.11
N CYS B 29 -16.82 -25.91 -1.16
CA CYS B 29 -15.46 -25.68 -1.59
CA CYS B 29 -15.52 -25.71 -1.81
C CYS B 29 -15.14 -24.21 -1.73
N LEU B 30 -14.00 -23.89 -1.13
CA LEU B 30 -13.42 -22.55 -1.26
C LEU B 30 -12.53 -22.56 -2.50
N VAL B 31 -13.03 -21.95 -3.57
CA VAL B 31 -12.29 -22.04 -4.81
C VAL B 31 -11.42 -20.83 -5.12
N SER B 32 -11.71 -19.72 -4.43
CA SER B 32 -10.93 -18.48 -4.69
C SER B 32 -10.90 -17.62 -3.42
N ALA B 33 -9.80 -16.92 -3.20
CA ALA B 33 -9.67 -16.06 -2.04
C ALA B 33 -8.93 -14.81 -2.45
N TYR B 34 -9.23 -13.73 -1.75
CA TYR B 34 -8.61 -12.46 -2.07
C TYR B 34 -8.35 -11.65 -0.83
N ASP B 35 -7.13 -11.14 -0.74
CA ASP B 35 -6.83 -10.22 0.36
C ASP B 35 -5.66 -9.42 -0.10
N ILE B 36 -5.65 -8.13 0.22
CA ILE B 36 -4.55 -7.26 -0.24
C ILE B 36 -3.21 -7.61 0.45
N ASN B 37 -3.29 -8.34 1.56
CA ASN B 37 -2.10 -8.85 2.30
C ASN B 37 -1.93 -10.33 1.91
N ASP B 38 -0.70 -10.70 1.58
CA ASP B 38 -0.40 -12.03 1.09
C ASP B 38 0.02 -13.03 2.16
N SER B 39 -0.05 -12.67 3.43
CA SER B 39 0.34 -13.59 4.49
C SER B 39 -0.91 -14.41 4.84
N VAL B 40 -1.20 -15.44 4.02
CA VAL B 40 -2.49 -16.14 4.03
C VAL B 40 -2.32 -17.67 4.06
N GLY B 41 -1.14 -18.11 4.45
CA GLY B 41 -0.81 -19.54 4.32
C GLY B 41 -1.68 -20.52 5.10
N ILE B 42 -2.35 -20.01 6.14
CA ILE B 42 -3.39 -20.79 6.83
C ILE B 42 -4.34 -21.51 5.83
N ILE B 43 -4.56 -20.91 4.67
CA ILE B 43 -5.52 -21.44 3.72
C ILE B 43 -5.16 -22.88 3.28
N ASP B 44 -3.86 -23.20 3.30
CA ASP B 44 -3.40 -24.50 2.80
C ASP B 44 -3.87 -25.62 3.74
N SER B 45 -4.10 -25.26 5.00
CA SER B 45 -4.50 -26.23 6.03
C SER B 45 -5.98 -26.54 5.97
N ILE B 46 -6.70 -25.73 5.22
CA ILE B 46 -8.14 -25.93 5.08
C ILE B 46 -8.59 -26.17 3.66
N SER B 47 -8.17 -25.30 2.74
CA SER B 47 -8.53 -25.42 1.33
C SER B 47 -7.29 -25.27 0.46
N PRO B 48 -6.50 -26.35 0.36
CA PRO B 48 -5.23 -26.36 -0.36
C PRO B 48 -5.36 -26.10 -1.86
N GLN B 49 -6.55 -26.18 -2.43
CA GLN B 49 -6.72 -26.04 -3.88
C GLN B 49 -7.25 -24.65 -4.26
N SER B 50 -7.51 -23.81 -3.28
CA SER B 50 -8.04 -22.45 -3.60
C SER B 50 -7.09 -21.56 -4.40
N GLU B 51 -7.62 -20.82 -5.39
CA GLU B 51 -6.84 -19.75 -5.99
C GLU B 51 -6.74 -18.61 -4.93
N PHE B 52 -5.74 -17.75 -5.12
CA PHE B 52 -5.53 -16.62 -4.22
C PHE B 52 -5.09 -15.43 -5.04
N PHE B 53 -5.61 -14.24 -4.69
CA PHE B 53 -5.25 -12.96 -5.38
C PHE B 53 -4.97 -11.89 -4.35
N THR B 54 -4.02 -11.00 -4.64
CA THR B 54 -3.82 -9.86 -3.82
C THR B 54 -4.39 -8.56 -4.45
N GLU B 55 -4.91 -8.58 -5.69
CA GLU B 55 -5.45 -7.36 -6.35
C GLU B 55 -6.84 -7.70 -6.81
N PHE B 56 -7.79 -6.83 -6.51
CA PHE B 56 -9.19 -7.11 -6.84
C PHE B 56 -9.36 -7.36 -8.35
N GLU B 57 -8.61 -6.60 -9.17
CA GLU B 57 -8.78 -6.76 -10.61
C GLU B 57 -8.53 -8.21 -11.08
N PHE B 58 -7.52 -8.88 -10.55
CA PHE B 58 -7.25 -10.26 -10.94
C PHE B 58 -8.27 -11.25 -10.34
N PHE B 59 -8.66 -10.97 -9.10
CA PHE B 59 -9.73 -11.77 -8.48
C PHE B 59 -10.99 -11.75 -9.36
N LEU B 60 -11.38 -10.54 -9.77
CA LEU B 60 -12.62 -10.35 -10.51
C LEU B 60 -12.56 -11.05 -11.88
N ASP B 61 -11.42 -10.90 -12.60
CA ASP B 61 -11.27 -11.64 -13.87
C ASP B 61 -11.40 -13.19 -13.70
N HIS B 62 -10.73 -13.74 -12.66
CA HIS B 62 -10.86 -15.16 -12.40
C HIS B 62 -12.28 -15.56 -12.10
N ALA B 63 -12.96 -14.76 -11.25
CA ALA B 63 -14.33 -15.12 -10.84
C ALA B 63 -15.23 -15.11 -12.06
N SER B 64 -14.95 -14.17 -12.95
CA SER B 64 -15.76 -14.02 -14.17
C SER B 64 -15.51 -15.21 -15.10
N ASN B 65 -14.25 -15.66 -15.16
CA ASN B 65 -13.94 -16.83 -16.00
C ASN B 65 -14.64 -18.06 -15.47
N LEU B 66 -14.74 -18.20 -14.15
CA LEU B 66 -15.40 -19.39 -13.57
C LEU B 66 -16.83 -19.52 -14.03
N LYS B 67 -17.44 -18.40 -14.41
CA LYS B 67 -18.86 -18.43 -14.79
C LYS B 67 -19.10 -19.26 -16.04
N ARG B 68 -18.07 -19.44 -16.85
CA ARG B 68 -18.21 -20.07 -18.18
C ARG B 68 -18.72 -21.49 -18.15
N ASP B 69 -18.56 -22.13 -17.00
CA ASP B 69 -18.95 -23.53 -16.83
C ASP B 69 -19.82 -23.60 -15.56
N SER B 70 -21.04 -24.11 -15.67
CA SER B 70 -21.89 -24.09 -14.48
C SER B 70 -21.31 -24.90 -13.29
N ALA B 71 -20.46 -25.88 -13.56
CA ALA B 71 -19.85 -26.62 -12.47
C ALA B 71 -18.82 -25.80 -11.69
N THR B 72 -18.19 -24.84 -12.35
CA THR B 72 -17.14 -24.07 -11.70
C THR B 72 -17.63 -22.72 -11.20
N ALA B 73 -18.79 -22.26 -11.64
CA ALA B 73 -19.22 -20.90 -11.27
C ALA B 73 -19.33 -20.75 -9.75
N LEU B 74 -18.94 -19.58 -9.26
CA LEU B 74 -19.22 -19.27 -7.87
C LEU B 74 -20.71 -19.23 -7.55
N ASP B 75 -21.04 -19.78 -6.39
CA ASP B 75 -22.39 -19.71 -5.82
C ASP B 75 -22.51 -18.63 -4.74
N TYR B 76 -21.47 -18.48 -3.92
CA TYR B 76 -21.44 -17.47 -2.85
C TYR B 76 -20.09 -16.77 -2.78
N VAL B 77 -20.18 -15.48 -2.38
CA VAL B 77 -18.99 -14.70 -2.07
C VAL B 77 -19.14 -14.31 -0.61
N SER B 78 -18.19 -14.78 0.19
CA SER B 78 -18.13 -14.42 1.63
C SER B 78 -17.21 -13.25 1.90
N ILE B 79 -17.59 -12.35 2.82
CA ILE B 79 -16.88 -11.08 2.96
C ILE B 79 -16.48 -10.81 4.39
N CYS B 80 -15.17 -10.72 4.63
CA CYS B 80 -14.58 -10.43 5.93
CA CYS B 80 -14.69 -10.33 5.96
C CYS B 80 -13.62 -9.27 5.86
N SER B 81 -13.87 -8.32 4.97
CA SER B 81 -12.98 -7.17 4.85
C SER B 81 -13.30 -6.09 5.90
N PRO B 82 -12.51 -5.02 5.95
CA PRO B 82 -12.88 -3.89 6.83
C PRO B 82 -14.27 -3.32 6.58
N ASN B 83 -14.93 -2.75 7.61
CA ASN B 83 -16.31 -2.37 7.48
C ASN B 83 -16.66 -1.46 6.31
N TYR B 84 -15.83 -0.46 6.05
CA TYR B 84 -16.11 0.44 4.95
C TYR B 84 -16.10 -0.22 3.57
N LEU B 85 -15.47 -1.40 3.43
CA LEU B 85 -15.39 -2.10 2.17
C LEU B 85 -16.53 -3.06 2.01
N HIS B 86 -17.38 -3.24 3.03
CA HIS B 86 -18.48 -4.21 2.84
C HIS B 86 -19.35 -3.83 1.66
N TYR B 87 -19.76 -2.57 1.61
CA TYR B 87 -20.71 -2.17 0.56
C TYR B 87 -20.19 -2.53 -0.84
N PRO B 88 -19.00 -2.04 -1.22
CA PRO B 88 -18.59 -2.41 -2.59
C PRO B 88 -18.26 -3.89 -2.82
N HIS B 89 -17.77 -4.59 -1.80
CA HIS B 89 -17.57 -6.02 -1.92
C HIS B 89 -18.89 -6.71 -2.18
N ILE B 90 -19.92 -6.32 -1.44
CA ILE B 90 -21.22 -6.95 -1.61
C ILE B 90 -21.72 -6.64 -3.01
N ALA B 91 -21.63 -5.38 -3.42
CA ALA B 91 -22.12 -5.01 -4.76
C ALA B 91 -21.47 -5.84 -5.83
N ALA B 92 -20.16 -5.99 -5.71
CA ALA B 92 -19.43 -6.80 -6.68
C ALA B 92 -19.83 -8.24 -6.68
N GLY B 93 -19.99 -8.80 -5.49
CA GLY B 93 -20.41 -10.19 -5.37
C GLY B 93 -21.76 -10.42 -6.04
N LEU B 94 -22.73 -9.54 -5.76
CA LEU B 94 -24.08 -9.73 -6.31
C LEU B 94 -23.96 -9.59 -7.84
N ARG B 95 -23.19 -8.58 -8.32
CA ARG B 95 -23.04 -8.36 -9.79
C ARG B 95 -22.23 -9.46 -10.52
N LEU B 96 -21.48 -10.26 -9.77
CA LEU B 96 -20.83 -11.45 -10.33
C LEU B 96 -21.79 -12.63 -10.51
N GLY B 97 -23.01 -12.47 -10.00
CA GLY B 97 -24.00 -13.50 -10.11
C GLY B 97 -24.01 -14.43 -8.93
N CYS B 98 -23.59 -13.94 -7.74
CA CYS B 98 -23.46 -14.77 -6.53
C CYS B 98 -24.32 -14.23 -5.40
N ASP B 99 -24.82 -15.15 -4.58
CA ASP B 99 -25.33 -14.74 -3.29
C ASP B 99 -24.13 -14.33 -2.48
N VAL B 100 -24.37 -13.50 -1.45
CA VAL B 100 -23.26 -12.87 -0.73
C VAL B 100 -23.51 -13.12 0.75
N ILE B 101 -22.44 -13.50 1.45
CA ILE B 101 -22.44 -13.67 2.90
C ILE B 101 -21.51 -12.64 3.51
N CYS B 102 -22.03 -11.71 4.30
CA CYS B 102 -21.15 -10.63 4.76
C CYS B 102 -21.13 -10.52 6.28
N GLU B 103 -19.96 -10.20 6.80
CA GLU B 103 -19.80 -10.02 8.24
C GLU B 103 -20.51 -8.81 8.77
N LYS B 104 -20.74 -8.77 10.09
CA LYS B 104 -21.32 -7.58 10.75
C LYS B 104 -20.14 -6.63 11.06
N PRO B 105 -20.40 -5.34 11.17
CA PRO B 105 -21.67 -4.69 10.83
C PRO B 105 -21.86 -4.72 9.34
N LEU B 106 -23.08 -4.99 8.92
CA LEU B 106 -23.32 -5.21 7.51
C LEU B 106 -22.86 -4.00 6.71
N VAL B 107 -23.51 -2.85 6.95
CA VAL B 107 -23.09 -1.59 6.37
C VAL B 107 -23.53 -0.56 7.42
N PRO B 108 -23.08 0.70 7.33
CA PRO B 108 -23.30 1.62 8.46
C PRO B 108 -24.65 2.33 8.47
N THR B 109 -25.31 2.46 7.32
CA THR B 109 -26.56 3.22 7.23
C THR B 109 -27.73 2.47 6.57
N PRO B 110 -28.95 2.82 6.98
CA PRO B 110 -30.15 2.29 6.36
C PRO B 110 -30.25 2.68 4.89
N GLU B 111 -29.70 3.84 4.50
CA GLU B 111 -29.70 4.24 3.07
C GLU B 111 -28.88 3.25 2.24
N MET B 112 -27.77 2.80 2.83
CA MET B 112 -26.94 1.84 2.14
C MET B 112 -27.64 0.50 2.04
N LEU B 113 -28.44 0.16 3.03
CA LEU B 113 -29.30 -1.04 2.89
C LEU B 113 -30.29 -0.91 1.74
N ASP B 114 -30.88 0.28 1.61
CA ASP B 114 -31.86 0.49 0.52
C ASP B 114 -31.16 0.32 -0.80
N GLN B 115 -29.93 0.85 -0.93
CA GLN B 115 -29.19 0.78 -2.19
C GLN B 115 -28.81 -0.68 -2.50
N LEU B 116 -28.39 -1.43 -1.48
CA LEU B 116 -28.11 -2.85 -1.67
C LEU B 116 -29.37 -3.66 -2.10
N ALA B 117 -30.53 -3.35 -1.52
CA ALA B 117 -31.77 -4.03 -1.95
C ALA B 117 -32.11 -3.77 -3.43
N VAL B 118 -31.81 -2.58 -3.92
CA VAL B 118 -31.85 -2.34 -5.37
C VAL B 118 -30.93 -3.28 -6.15
N ILE B 119 -29.68 -3.44 -5.72
CA ILE B 119 -28.81 -4.32 -6.46
C ILE B 119 -29.28 -5.78 -6.42
N GLU B 120 -29.80 -6.24 -5.27
CA GLU B 120 -30.40 -7.58 -5.20
C GLU B 120 -31.47 -7.75 -6.28
N ARG B 121 -32.35 -6.76 -6.44
CA ARG B 121 -33.40 -6.90 -7.47
C ARG B 121 -32.83 -6.96 -8.87
N GLU B 122 -31.82 -6.13 -9.12
CA GLU B 122 -31.16 -6.07 -10.44
C GLU B 122 -30.46 -7.34 -10.82
N THR B 123 -29.86 -7.99 -9.82
CA THR B 123 -28.99 -9.12 -10.12
C THR B 123 -29.69 -10.43 -9.86
N ASP B 124 -30.82 -10.35 -9.15
CA ASP B 124 -31.54 -11.52 -8.73
C ASP B 124 -30.76 -12.41 -7.81
N LYS B 125 -29.92 -11.78 -7.00
CA LYS B 125 -29.17 -12.48 -5.99
C LYS B 125 -29.47 -11.89 -4.60
N ARG B 126 -29.06 -12.62 -3.58
CA ARG B 126 -29.40 -12.23 -2.21
C ARG B 126 -28.21 -12.03 -1.30
N LEU B 127 -28.30 -11.01 -0.46
CA LEU B 127 -27.33 -10.71 0.60
C LEU B 127 -27.75 -11.30 1.93
N TYR B 128 -26.84 -12.02 2.56
CA TYR B 128 -27.02 -12.56 3.92
C TYR B 128 -26.03 -11.89 4.84
N ASN B 129 -26.36 -11.79 6.13
CA ASN B 129 -25.49 -11.17 7.13
C ASN B 129 -25.25 -12.20 8.23
N ILE B 130 -24.03 -12.25 8.75
CA ILE B 130 -23.68 -13.01 9.92
C ILE B 130 -24.20 -12.34 11.20
N LEU B 131 -25.21 -12.99 11.78
CA LEU B 131 -25.83 -12.62 13.06
C LEU B 131 -25.74 -13.84 13.99
N GLN B 132 -24.52 -14.25 14.28
CA GLN B 132 -24.33 -15.61 14.80
C GLN B 132 -24.96 -15.84 16.19
N LEU B 133 -25.10 -14.79 17.02
CA LEU B 133 -25.70 -15.00 18.36
C LEU B 133 -27.18 -15.40 18.29
N ARG B 134 -27.85 -15.11 17.17
CA ARG B 134 -29.23 -15.52 16.99
C ARG B 134 -29.38 -17.02 16.97
N HIS B 135 -28.25 -17.68 16.71
CA HIS B 135 -28.26 -19.13 16.58
C HIS B 135 -27.91 -19.78 17.91
N HIS B 136 -27.47 -19.00 18.89
CA HIS B 136 -27.04 -19.46 20.22
C HIS B 136 -28.20 -19.93 21.15
N GLN B 137 -28.12 -21.16 21.65
CA GLN B 137 -29.21 -21.75 22.44
C GLN B 137 -29.76 -20.89 23.58
N ALA B 138 -28.88 -20.25 24.34
CA ALA B 138 -29.29 -19.41 25.48
C ALA B 138 -30.06 -18.20 25.01
N ILE B 139 -29.58 -17.58 23.94
CA ILE B 139 -30.32 -16.48 23.34
C ILE B 139 -31.66 -16.95 22.81
N ILE B 140 -31.69 -18.06 22.08
CA ILE B 140 -32.97 -18.66 21.69
C ILE B 140 -33.92 -18.94 22.87
N ALA B 141 -33.38 -19.51 23.94
CA ALA B 141 -34.13 -19.76 25.16
C ALA B 141 -34.71 -18.50 25.80
N LEU B 142 -33.90 -17.45 25.90
CA LEU B 142 -34.40 -16.24 26.52
C LEU B 142 -35.45 -15.58 25.63
N LYS B 143 -35.25 -15.60 24.32
CA LYS B 143 -36.29 -15.06 23.44
C LYS B 143 -37.61 -15.77 23.67
N ASP B 144 -37.55 -17.07 23.89
CA ASP B 144 -38.80 -17.82 24.02
C ASP B 144 -39.38 -17.68 25.42
N LYS B 145 -38.50 -17.63 26.42
CA LYS B 145 -38.91 -17.33 27.81
C LYS B 145 -39.62 -15.98 27.90
N VAL B 146 -39.09 -14.97 27.23
CA VAL B 146 -39.73 -13.65 27.16
C VAL B 146 -41.09 -13.66 26.43
N ALA B 147 -41.21 -14.38 25.33
CA ALA B 147 -42.45 -14.34 24.55
C ALA B 147 -43.57 -15.05 25.30
N ARG B 148 -43.26 -16.17 25.93
CA ARG B 148 -44.31 -16.94 26.59
C ARG B 148 -44.73 -16.34 27.93
N GLU B 149 -43.78 -15.73 28.64
CA GLU B 149 -44.08 -15.14 29.95
C GLU B 149 -45.02 -13.94 29.85
N LYS B 150 -44.92 -13.18 28.77
CA LYS B 150 -45.78 -12.04 28.55
C LYS B 150 -46.25 -11.41 29.86
N SER B 151 -45.35 -11.30 30.82
CA SER B 151 -45.60 -10.46 31.98
C SER B 151 -45.89 -9.04 31.51
N PRO B 152 -46.35 -8.17 32.42
CA PRO B 152 -46.78 -6.84 32.03
C PRO B 152 -45.73 -5.77 32.31
N HIS B 153 -44.57 -6.16 32.82
CA HIS B 153 -43.49 -5.23 33.13
C HIS B 153 -42.26 -5.51 32.26
N LYS B 154 -41.56 -4.46 31.89
CA LYS B 154 -40.41 -4.62 31.02
C LYS B 154 -39.26 -5.24 31.81
N TYR B 155 -38.36 -5.93 31.10
CA TYR B 155 -37.14 -6.44 31.74
C TYR B 155 -36.12 -5.31 31.93
N GLU B 156 -35.36 -5.33 33.02
CA GLU B 156 -34.39 -4.27 33.21
C GLU B 156 -33.06 -4.86 32.86
N VAL B 157 -32.40 -4.30 31.84
CA VAL B 157 -31.19 -4.93 31.29
C VAL B 157 -30.00 -4.01 31.37
N ASP B 158 -28.93 -4.53 31.91
CA ASP B 158 -27.68 -3.79 31.97
C ASP B 158 -26.70 -4.56 31.10
N LEU B 159 -26.09 -3.86 30.14
CA LEU B 159 -25.14 -4.51 29.25
C LEU B 159 -23.80 -3.80 29.35
N THR B 160 -22.77 -4.59 29.62
CA THR B 160 -21.42 -4.04 29.75
C THR B 160 -20.49 -4.96 28.97
N TYR B 161 -19.72 -4.41 28.05
CA TYR B 161 -18.78 -5.25 27.30
C TYR B 161 -17.52 -4.43 27.10
N ILE B 162 -16.48 -4.85 27.81
CA ILE B 162 -15.21 -4.17 27.85
C ILE B 162 -14.18 -5.19 27.38
N THR B 163 -13.48 -4.86 26.31
CA THR B 163 -12.64 -5.87 25.71
C THR B 163 -11.28 -5.23 25.45
N SER B 164 -10.29 -5.63 26.24
CA SER B 164 -8.97 -5.02 26.22
C SER B 164 -8.41 -5.00 24.79
N ARG B 165 -8.04 -3.82 24.31
CA ARG B 165 -7.29 -3.73 23.05
C ARG B 165 -5.94 -3.10 23.31
N GLY B 166 -4.90 -3.75 22.83
CA GLY B 166 -3.58 -3.11 22.82
C GLY B 166 -3.42 -1.96 21.83
N ASN B 167 -2.22 -1.37 21.81
CA ASN B 167 -1.93 -0.16 21.02
C ASN B 167 -2.19 -0.41 19.52
N TRP B 168 -1.98 -1.65 19.08
CA TRP B 168 -2.18 -2.01 17.62
C TRP B 168 -3.61 -1.66 17.16
N TYR B 169 -4.58 -1.80 18.05
CA TYR B 169 -5.98 -1.69 17.63
C TYR B 169 -6.30 -0.29 17.13
N LEU B 170 -5.88 0.74 17.82
CA LEU B 170 -6.16 2.05 17.31
C LEU B 170 -5.30 2.50 16.10
N LYS B 171 -4.19 1.81 15.82
CA LYS B 171 -3.40 2.01 14.60
C LYS B 171 -3.94 1.24 13.40
N SER B 172 -4.82 0.29 13.66
CA SER B 172 -5.46 -0.51 12.61
C SER B 172 -6.71 0.23 12.02
N TRP B 173 -7.33 -0.32 10.99
CA TRP B 173 -8.54 0.30 10.44
C TRP B 173 -9.60 0.39 11.52
N LYS B 174 -9.50 -0.47 12.53
CA LYS B 174 -10.58 -0.55 13.54
C LYS B 174 -10.54 0.70 14.38
N GLY B 175 -9.43 1.38 14.28
CA GLY B 175 -9.21 2.66 14.95
C GLY B 175 -9.43 3.90 14.10
N ASP B 176 -9.84 3.75 12.83
CA ASP B 176 -10.12 4.89 11.94
C ASP B 176 -11.64 4.96 11.83
N PRO B 177 -12.28 5.97 12.42
CA PRO B 177 -13.74 6.07 12.45
C PRO B 177 -14.34 6.02 11.04
N ARG B 178 -13.61 6.46 10.03
CA ARG B 178 -14.15 6.48 8.67
C ARG B 178 -14.06 5.10 8.03
N LYS B 179 -13.31 4.24 8.68
CA LYS B 179 -13.20 2.84 8.19
C LYS B 179 -14.04 1.87 9.02
N SER B 180 -14.11 2.13 10.35
CA SER B 180 -14.73 1.19 11.28
C SER B 180 -16.18 1.56 11.53
N PHE B 181 -16.47 2.85 11.34
CA PHE B 181 -17.74 3.50 11.74
C PHE B 181 -18.05 3.61 13.21
N GLY B 182 -17.01 3.46 14.01
CA GLY B 182 -17.06 3.84 15.43
C GLY B 182 -17.40 2.70 16.35
N VAL B 183 -17.28 2.95 17.64
CA VAL B 183 -17.53 1.95 18.70
C VAL B 183 -18.87 1.19 18.63
N ALA B 184 -19.98 1.91 18.62
CA ALA B 184 -21.28 1.23 18.68
C ALA B 184 -21.48 0.37 17.43
N THR B 185 -21.03 0.90 16.30
CA THR B 185 -21.24 0.18 15.03
C THR B 185 -20.30 -1.02 14.89
N ASN B 186 -19.02 -0.85 15.24
CA ASN B 186 -18.03 -1.95 15.12
C ASN B 186 -18.07 -2.99 16.25
N ILE B 187 -18.15 -2.50 17.49
CA ILE B 187 -18.05 -3.34 18.69
C ILE B 187 -19.48 -3.81 19.11
N GLY B 188 -20.50 -2.97 18.95
CA GLY B 188 -21.80 -3.25 19.57
C GLY B 188 -22.91 -3.86 18.75
N VAL B 189 -22.78 -3.79 17.42
CA VAL B 189 -23.89 -4.04 16.51
C VAL B 189 -24.54 -5.40 16.84
N HIS B 190 -23.76 -6.46 17.11
CA HIS B 190 -24.39 -7.78 17.32
C HIS B 190 -25.06 -7.93 18.69
N PHE B 191 -24.58 -7.20 19.70
CA PHE B 191 -25.33 -7.05 20.96
C PHE B 191 -26.65 -6.27 20.79
N TYR B 192 -26.63 -5.17 20.03
CA TYR B 192 -27.93 -4.54 19.74
C TYR B 192 -28.91 -5.47 19.00
N ASP B 193 -28.40 -6.23 18.05
CA ASP B 193 -29.28 -7.09 17.29
C ASP B 193 -29.86 -8.16 18.24
N MET B 194 -29.03 -8.68 19.12
CA MET B 194 -29.47 -9.71 20.09
C MET B 194 -30.59 -9.16 20.95
N LEU B 195 -30.42 -7.90 21.37
CA LEU B 195 -31.44 -7.30 22.25
C LEU B 195 -32.76 -7.13 21.47
N HIS B 196 -32.69 -6.70 20.21
CA HIS B 196 -33.88 -6.68 19.37
C HIS B 196 -34.53 -8.08 19.18
N PHE B 197 -33.71 -9.10 18.92
CA PHE B 197 -34.18 -10.44 18.65
C PHE B 197 -34.96 -10.98 19.86
N ILE B 198 -34.49 -10.63 21.05
CA ILE B 198 -35.15 -11.07 22.29
C ILE B 198 -36.29 -10.16 22.73
N PHE B 199 -36.12 -8.85 22.60
CA PHE B 199 -37.01 -7.89 23.29
C PHE B 199 -37.87 -7.05 22.39
N GLY B 200 -37.74 -7.22 21.06
CA GLY B 200 -38.66 -6.60 20.12
C GLY B 200 -38.20 -5.26 19.56
N LYS B 201 -39.15 -4.44 19.17
CA LYS B 201 -38.82 -3.21 18.48
C LYS B 201 -38.23 -2.16 19.39
N LEU B 202 -37.31 -1.39 18.85
CA LEU B 202 -36.74 -0.28 19.59
C LEU B 202 -37.69 0.90 19.57
N GLN B 203 -37.89 1.50 20.74
CA GLN B 203 -38.73 2.67 20.88
C GLN B 203 -38.02 3.98 21.22
N ARG B 204 -36.92 3.91 21.96
CA ARG B 204 -36.11 5.09 22.23
C ARG B 204 -34.64 4.75 22.20
N ASN B 205 -33.84 5.70 21.76
CA ASN B 205 -32.43 5.48 21.54
C ASN B 205 -31.66 6.72 21.96
N VAL B 206 -31.01 6.65 23.11
CA VAL B 206 -30.30 7.83 23.63
C VAL B 206 -28.84 7.58 23.98
N VAL B 207 -27.97 8.56 23.71
CA VAL B 207 -26.54 8.38 23.94
C VAL B 207 -26.06 9.36 25.02
N HIS B 208 -25.33 8.81 25.98
CA HIS B 208 -24.78 9.59 27.10
C HIS B 208 -23.31 9.96 26.97
N PHE B 209 -22.55 9.16 26.24
CA PHE B 209 -21.13 9.41 26.11
C PHE B 209 -20.62 8.71 24.89
N THR B 210 -19.65 9.30 24.18
CA THR B 210 -19.08 8.65 23.01
C THR B 210 -17.66 9.17 22.81
N SER B 211 -16.70 8.24 22.66
CA SER B 211 -15.31 8.54 22.29
C SER B 211 -14.86 7.44 21.34
N GLU B 212 -13.59 7.43 20.93
CA GLU B 212 -13.06 6.34 20.10
C GLU B 212 -12.75 5.06 20.91
N TYR B 213 -12.85 5.15 22.23
CA TYR B 213 -12.42 4.08 23.12
C TYR B 213 -13.67 3.37 23.67
N LYS B 214 -14.77 4.11 23.77
CA LYS B 214 -15.92 3.68 24.61
C LYS B 214 -17.18 4.52 24.33
N THR B 215 -18.36 3.96 24.66
CA THR B 215 -19.62 4.69 24.53
C THR B 215 -20.63 4.13 25.54
N ALA B 216 -21.65 4.94 25.83
CA ALA B 216 -22.70 4.52 26.76
C ALA B 216 -23.99 5.12 26.33
N GLY B 217 -25.07 4.39 26.54
CA GLY B 217 -26.35 5.00 26.32
C GLY B 217 -27.47 4.20 26.94
N TYR B 218 -28.66 4.48 26.44
CA TYR B 218 -29.88 3.87 26.93
C TYR B 218 -30.74 3.50 25.74
N LEU B 219 -31.20 2.25 25.70
CA LEU B 219 -32.17 1.79 24.70
C LEU B 219 -33.48 1.32 25.36
N GLU B 220 -34.62 1.73 24.80
CA GLU B 220 -35.86 1.14 25.27
C GLU B 220 -36.51 0.36 24.15
N TYR B 221 -36.74 -0.92 24.45
CA TYR B 221 -37.35 -1.86 23.51
C TYR B 221 -38.77 -2.14 23.98
N GLU B 222 -39.57 -2.75 23.12
CA GLU B 222 -40.90 -3.17 23.55
C GLU B 222 -40.93 -3.89 24.91
N GLN B 223 -39.94 -4.78 25.17
CA GLN B 223 -39.92 -5.63 26.38
C GLN B 223 -38.75 -5.38 27.34
N ALA B 224 -37.98 -4.32 27.10
CA ALA B 224 -36.82 -4.08 27.92
C ALA B 224 -36.39 -2.62 27.99
N ARG B 225 -35.82 -2.27 29.12
CA ARG B 225 -35.09 -1.04 29.29
C ARG B 225 -33.63 -1.41 29.41
N VAL B 226 -32.78 -0.89 28.51
CA VAL B 226 -31.38 -1.35 28.47
C VAL B 226 -30.43 -0.22 28.67
N ARG B 227 -29.62 -0.28 29.73
CA ARG B 227 -28.53 0.67 29.91
C ARG B 227 -27.25 -0.05 29.43
N TRP B 228 -26.49 0.61 28.55
CA TRP B 228 -25.35 -0.04 27.93
C TRP B 228 -24.07 0.79 28.01
N PHE B 229 -22.96 0.05 28.05
CA PHE B 229 -21.61 0.61 28.06
C PHE B 229 -20.66 -0.35 27.30
N LEU B 230 -19.91 0.21 26.35
CA LEU B 230 -19.01 -0.56 25.49
C LEU B 230 -17.63 0.06 25.56
N SER B 231 -16.59 -0.74 25.67
CA SER B 231 -15.24 -0.18 25.74
C SER B 231 -14.16 -1.16 25.24
N VAL B 232 -13.14 -0.58 24.61
CA VAL B 232 -11.90 -1.29 24.37
C VAL B 232 -10.74 -0.82 25.23
N ASP B 233 -11.05 0.00 26.25
CA ASP B 233 -10.07 0.47 27.24
C ASP B 233 -9.98 -0.45 28.48
N ALA B 234 -8.83 -1.10 28.66
CA ALA B 234 -8.62 -2.07 29.73
C ALA B 234 -8.88 -1.45 31.10
N ASN B 235 -8.76 -0.14 31.15
CA ASN B 235 -8.87 0.61 32.39
C ASN B 235 -10.30 0.61 32.91
N ASP B 236 -11.26 0.30 32.02
CA ASP B 236 -12.67 0.25 32.40
C ASP B 236 -13.03 -1.08 33.03
N LEU B 237 -12.13 -2.04 32.97
CA LEU B 237 -12.37 -3.34 33.58
C LEU B 237 -12.65 -3.19 35.08
N PRO B 238 -13.69 -3.86 35.57
CA PRO B 238 -13.91 -3.69 36.99
C PRO B 238 -12.67 -4.11 37.79
N GLU B 239 -12.61 -3.71 39.06
CA GLU B 239 -11.51 -4.06 39.94
C GLU B 239 -11.22 -5.58 39.98
N SER B 240 -12.26 -6.41 40.11
CA SER B 240 -12.05 -7.85 40.26
C SER B 240 -11.44 -8.55 39.04
N VAL B 241 -11.63 -7.96 37.86
CA VAL B 241 -11.29 -8.66 36.62
C VAL B 241 -9.89 -8.32 36.10
N LYS B 242 -9.40 -7.13 36.42
CA LYS B 242 -8.11 -6.66 35.95
C LYS B 242 -6.96 -7.66 36.15
N GLY B 243 -6.08 -7.74 35.18
CA GLY B 243 -4.91 -8.60 35.27
C GLY B 243 -5.27 -10.07 35.12
N LYS B 244 -6.41 -10.44 35.70
CA LYS B 244 -6.85 -11.82 35.69
C LYS B 244 -7.51 -12.19 34.36
N LYS B 245 -8.04 -11.18 33.67
CA LYS B 245 -8.77 -11.41 32.43
C LYS B 245 -8.85 -10.14 31.59
N PRO B 246 -8.71 -10.27 30.27
CA PRO B 246 -8.70 -9.11 29.37
C PRO B 246 -10.08 -8.57 29.00
N THR B 247 -11.09 -9.41 29.15
CA THR B 247 -12.41 -9.08 28.66
C THR B 247 -13.45 -9.26 29.74
N TYR B 248 -14.38 -8.30 29.83
CA TYR B 248 -15.50 -8.40 30.74
C TYR B 248 -16.80 -8.24 29.96
N ARG B 249 -17.61 -9.28 29.99
CA ARG B 249 -18.91 -9.26 29.35
C ARG B 249 -19.97 -9.55 30.40
N SER B 250 -20.79 -8.55 30.71
CA SER B 250 -21.89 -8.76 31.65
C SER B 250 -23.20 -8.27 31.02
N ILE B 251 -24.21 -9.13 31.03
CA ILE B 251 -25.53 -8.77 30.57
C ILE B 251 -26.51 -9.34 31.56
N THR B 252 -27.08 -8.47 32.39
CA THR B 252 -27.97 -8.93 33.42
C THR B 252 -29.39 -8.63 32.96
N VAL B 253 -30.30 -9.51 33.32
CA VAL B 253 -31.69 -9.33 33.00
C VAL B 253 -32.45 -9.40 34.31
N ASN B 254 -33.05 -8.28 34.72
CA ASN B 254 -33.63 -8.18 36.06
C ASN B 254 -32.66 -8.71 37.10
N GLY B 255 -31.40 -8.29 36.98
CA GLY B 255 -30.39 -8.57 37.99
C GLY B 255 -29.67 -9.91 37.84
N GLU B 256 -30.16 -10.77 36.95
CA GLU B 256 -29.55 -12.09 36.84
C GLU B 256 -28.66 -12.17 35.60
N GLU B 257 -27.45 -12.68 35.78
CA GLU B 257 -26.48 -12.70 34.69
C GLU B 257 -26.85 -13.73 33.63
N MET B 258 -26.83 -13.29 32.37
CA MET B 258 -27.05 -14.17 31.24
C MET B 258 -25.91 -15.19 31.13
N GLU B 259 -26.15 -16.33 30.49
CA GLU B 259 -25.11 -17.36 30.38
C GLU B 259 -24.98 -17.96 28.99
N PHE B 260 -23.85 -17.66 28.35
CA PHE B 260 -23.64 -18.03 26.97
C PHE B 260 -22.24 -17.55 26.60
N ASP B 266 -18.38 -22.34 17.21
CA ASP B 266 -18.77 -22.92 15.93
C ASP B 266 -20.04 -22.27 15.38
N LEU B 267 -20.38 -21.10 15.94
CA LEU B 267 -21.60 -20.42 15.53
C LEU B 267 -21.48 -19.88 14.11
N HIS B 268 -20.25 -19.70 13.64
CA HIS B 268 -20.13 -19.33 12.23
C HIS B 268 -20.45 -20.51 11.34
N THR B 269 -20.03 -21.71 11.75
CA THR B 269 -20.48 -22.88 11.00
C THR B 269 -22.01 -23.06 11.00
N THR B 270 -22.63 -22.95 12.17
CA THR B 270 -24.10 -22.92 12.22
C THR B 270 -24.71 -21.85 11.30
N SER B 271 -24.10 -20.67 11.28
CA SER B 271 -24.62 -19.64 10.40
C SER B 271 -24.66 -20.07 8.95
N TYR B 272 -23.54 -20.69 8.54
CA TYR B 272 -23.46 -21.13 7.14
C TYR B 272 -24.49 -22.25 6.91
N GLU B 273 -24.62 -23.16 7.89
CA GLU B 273 -25.61 -24.26 7.68
C GLU B 273 -27.00 -23.69 7.44
N GLU B 274 -27.35 -22.69 8.24
CA GLU B 274 -28.66 -22.09 8.15
C GLU B 274 -28.89 -21.40 6.83
N ILE B 275 -27.90 -20.61 6.36
CA ILE B 275 -28.03 -20.02 5.04
C ILE B 275 -28.25 -21.12 3.96
N LEU B 276 -27.43 -22.17 4.02
CA LEU B 276 -27.43 -23.25 3.04
C LEU B 276 -28.71 -24.06 3.15
N ALA B 277 -29.35 -24.00 4.30
CA ALA B 277 -30.65 -24.68 4.48
C ALA B 277 -31.87 -23.86 4.07
N GLY B 278 -31.70 -22.63 3.57
CA GLY B 278 -32.79 -21.83 3.07
C GLY B 278 -33.27 -20.85 4.12
N ARG B 279 -32.52 -20.73 5.22
CA ARG B 279 -32.90 -19.83 6.30
C ARG B 279 -31.80 -18.76 6.42
N GLY B 280 -31.40 -18.37 7.60
CA GLY B 280 -30.40 -17.28 7.61
C GLY B 280 -31.01 -15.89 7.40
N TYR B 281 -30.18 -14.86 7.39
CA TYR B 281 -30.71 -13.52 7.66
C TYR B 281 -30.34 -12.55 6.57
N GLY B 282 -31.32 -11.85 6.01
CA GLY B 282 -31.06 -10.95 4.89
C GLY B 282 -31.18 -9.50 5.36
N ILE B 283 -31.31 -8.60 4.38
CA ILE B 283 -31.38 -7.15 4.62
C ILE B 283 -32.52 -6.82 5.57
N ASP B 284 -33.65 -7.45 5.37
CA ASP B 284 -34.81 -7.10 6.19
C ASP B 284 -34.52 -7.50 7.65
N ASP B 285 -33.73 -8.55 7.88
CA ASP B 285 -33.38 -8.95 9.24
C ASP B 285 -32.31 -8.08 9.88
N ALA B 286 -31.34 -7.67 9.10
CA ALA B 286 -30.28 -6.79 9.58
C ALA B 286 -30.68 -5.34 9.76
N ARG B 287 -31.80 -4.93 9.15
CA ARG B 287 -32.17 -3.53 9.10
C ARG B 287 -32.31 -2.92 10.50
N HIS B 288 -32.90 -3.65 11.42
CA HIS B 288 -33.14 -3.05 12.75
C HIS B 288 -31.86 -2.61 13.45
N CYS B 289 -30.88 -3.50 13.47
CA CYS B 289 -29.60 -3.22 14.12
C CYS B 289 -28.81 -2.11 13.43
N VAL B 290 -28.91 -2.03 12.10
CA VAL B 290 -28.20 -1.00 11.36
C VAL B 290 -28.83 0.36 11.67
N GLU B 291 -30.16 0.42 11.70
CA GLU B 291 -30.80 1.67 12.14
C GLU B 291 -30.36 2.04 13.56
N THR B 292 -30.28 1.06 14.47
CA THR B 292 -29.88 1.37 15.85
C THR B 292 -28.49 1.99 15.95
N VAL B 293 -27.52 1.38 15.27
CA VAL B 293 -26.17 1.89 15.37
C VAL B 293 -25.97 3.15 14.59
N ASN B 294 -26.71 3.31 13.50
CA ASN B 294 -26.67 4.55 12.72
C ASN B 294 -27.12 5.74 13.58
N THR B 295 -28.17 5.52 14.35
CA THR B 295 -28.63 6.57 15.25
C THR B 295 -27.58 6.85 16.32
N ILE B 296 -27.03 5.81 16.94
CA ILE B 296 -26.04 6.02 18.00
C ILE B 296 -24.82 6.79 17.42
N ARG B 297 -24.36 6.42 16.24
CA ARG B 297 -23.11 7.01 15.72
C ARG B 297 -23.25 8.52 15.53
N SER B 298 -24.45 8.97 15.15
CA SER B 298 -24.64 10.38 14.81
C SER B 298 -25.35 11.17 15.90
N ALA B 299 -25.67 10.52 17.02
CA ALA B 299 -26.44 11.10 18.10
C ALA B 299 -25.72 12.30 18.73
N VAL B 300 -26.50 13.33 19.03
CA VAL B 300 -26.01 14.35 19.92
C VAL B 300 -26.20 13.83 21.34
N ILE B 301 -25.13 13.83 22.14
CA ILE B 301 -25.22 13.35 23.52
C ILE B 301 -26.23 14.18 24.33
N VAL B 302 -26.96 13.52 25.23
CA VAL B 302 -27.85 14.21 26.16
C VAL B 302 -27.44 13.86 27.58
N PRO B 303 -27.75 14.73 28.54
CA PRO B 303 -27.46 14.32 29.90
C PRO B 303 -28.35 13.17 30.32
N ALA B 304 -27.84 12.22 31.09
CA ALA B 304 -28.67 11.12 31.54
C ALA B 304 -29.81 11.62 32.42
N SER B 305 -31.04 11.23 32.09
CA SER B 305 -32.09 11.38 33.10
C SER B 305 -32.45 10.10 33.83
N ASP B 306 -33.40 10.17 34.73
CA ASP B 306 -34.39 9.10 34.92
C ASP B 306 -33.83 7.72 35.22
N ASN B 307 -32.68 7.66 35.87
CA ASN B 307 -32.02 6.38 36.08
C ASN B 307 -31.71 5.61 34.78
N GLU B 308 -31.71 6.31 33.65
CA GLU B 308 -31.35 5.73 32.34
C GLU B 308 -29.85 5.62 32.09
N GLY B 309 -29.01 6.25 32.92
CA GLY B 309 -27.55 6.14 32.70
C GLY B 309 -27.00 4.83 33.25
N HIS B 310 -26.18 4.15 32.44
CA HIS B 310 -25.46 2.98 32.87
C HIS B 310 -24.60 3.36 34.09
N PRO B 311 -24.40 2.41 35.02
CA PRO B 311 -23.68 2.84 36.22
C PRO B 311 -22.28 3.40 35.97
N PHE B 312 -21.66 3.12 34.82
CA PHE B 312 -20.34 3.68 34.57
C PHE B 312 -20.27 5.17 34.20
N VAL B 313 -21.40 5.78 33.84
CA VAL B 313 -21.41 7.20 33.57
C VAL B 313 -21.95 8.08 34.69
N ALA B 314 -21.89 7.61 35.93
CA ALA B 314 -22.65 8.25 37.00
C ALA B 314 -22.17 9.67 37.26
N ALA B 315 -20.92 9.96 36.93
CA ALA B 315 -20.32 11.23 37.32
C ALA B 315 -20.33 12.25 36.18
N LEU B 316 -20.95 11.91 35.06
CA LEU B 316 -20.96 12.85 33.94
C LEU B 316 -21.93 13.99 34.27
N ALA B 317 -21.74 15.11 33.59
CA ALA B 317 -22.63 16.25 33.73
C ALA B 317 -24.07 15.85 33.44
N ARG B 318 -24.98 16.34 34.26
CA ARG B 318 -26.38 15.98 34.15
C ARG B 318 -27.31 17.18 33.97
N MET C 3 26.90 21.43 -5.01
CA MET C 3 27.73 21.94 -3.88
C MET C 3 27.20 21.78 -2.43
N LYS C 4 25.87 21.85 -2.22
CA LYS C 4 25.29 21.16 -1.09
C LYS C 4 24.44 20.01 -1.57
N ASN C 5 24.43 18.95 -0.77
CA ASN C 5 23.77 17.69 -1.14
C ASN C 5 22.39 17.61 -0.46
N PHE C 6 21.34 17.45 -1.27
CA PHE C 6 19.97 17.43 -0.75
C PHE C 6 19.33 16.03 -0.92
N ALA C 7 18.48 15.68 0.03
CA ALA C 7 17.52 14.55 -0.17
C ALA C 7 16.13 15.17 -0.21
N LEU C 8 15.19 14.52 -0.90
CA LEU C 8 13.86 15.03 -0.97
C LEU C 8 12.84 13.93 -0.73
N ILE C 9 12.03 14.11 0.29
CA ILE C 9 11.02 13.10 0.73
C ILE C 9 9.65 13.62 0.29
N GLY C 10 8.86 12.75 -0.34
CA GLY C 10 7.62 13.19 -0.97
C GLY C 10 7.79 13.61 -2.42
N ALA C 11 8.83 13.08 -3.10
CA ALA C 11 9.33 13.64 -4.37
C ALA C 11 8.38 13.43 -5.53
N ALA C 12 7.40 12.50 -5.42
CA ALA C 12 6.50 12.20 -6.54
C ALA C 12 5.23 13.01 -6.54
N GLY C 13 5.13 13.94 -5.58
CA GLY C 13 3.90 14.69 -5.34
C GLY C 13 3.75 16.03 -6.05
N TYR C 14 2.69 16.72 -5.75
CA TYR C 14 2.38 18.00 -6.41
C TYR C 14 3.39 19.15 -6.17
N ILE C 15 3.71 19.46 -4.91
CA ILE C 15 4.63 20.56 -4.60
C ILE C 15 6.13 20.17 -4.86
N ALA C 16 6.45 18.88 -4.87
CA ALA C 16 7.83 18.45 -4.99
C ALA C 16 8.70 19.09 -6.11
N PRO C 17 8.14 19.24 -7.33
CA PRO C 17 8.96 19.79 -8.39
C PRO C 17 9.40 21.22 -8.04
N ARG C 18 8.66 21.98 -7.24
CA ARG C 18 9.16 23.34 -6.85
C ARG C 18 10.41 23.20 -5.99
N HIS C 19 10.50 22.14 -5.22
CA HIS C 19 11.67 21.91 -4.36
C HIS C 19 12.84 21.44 -5.21
N MET C 20 12.58 20.51 -6.12
CA MET C 20 13.58 20.06 -7.09
C MET C 20 14.11 21.29 -7.85
N ARG C 21 13.24 22.17 -8.32
CA ARG C 21 13.77 23.31 -9.08
C ARG C 21 14.56 24.28 -8.19
N ALA C 22 14.13 24.45 -6.96
CA ALA C 22 14.86 25.34 -6.02
C ALA C 22 16.27 24.83 -5.75
N ILE C 23 16.45 23.51 -5.60
CA ILE C 23 17.74 22.88 -5.32
C ILE C 23 18.64 23.10 -6.54
N LYS C 24 18.09 22.85 -7.72
CA LYS C 24 18.85 23.05 -8.95
C LYS C 24 19.21 24.51 -9.18
N ASP C 25 18.23 25.39 -8.99
CA ASP C 25 18.44 26.78 -9.35
C ASP C 25 19.37 27.51 -8.40
N THR C 26 19.54 27.00 -7.19
CA THR C 26 20.47 27.61 -6.25
C THR C 26 21.86 26.98 -6.44
N GLY C 27 22.03 26.13 -7.45
CA GLY C 27 23.32 25.52 -7.69
C GLY C 27 23.69 24.27 -6.89
N ASN C 28 22.70 23.61 -6.30
CA ASN C 28 22.97 22.48 -5.48
C ASN C 28 22.50 21.20 -6.14
N CYS C 29 22.62 20.11 -5.41
CA CYS C 29 22.44 18.79 -5.98
CA CYS C 29 22.52 18.76 -5.97
C CYS C 29 21.47 17.95 -5.20
N LEU C 30 20.45 17.44 -5.90
CA LEU C 30 19.51 16.46 -5.32
C LEU C 30 20.12 15.09 -5.50
N VAL C 31 20.60 14.48 -4.42
CA VAL C 31 21.30 13.22 -4.59
C VAL C 31 20.45 12.01 -4.20
N SER C 32 19.35 12.25 -3.49
CA SER C 32 18.48 11.15 -3.08
C SER C 32 17.07 11.63 -3.01
N ALA C 33 16.13 10.77 -3.40
CA ALA C 33 14.72 11.13 -3.38
C ALA C 33 13.95 9.91 -2.93
N TYR C 34 12.85 10.15 -2.25
CA TYR C 34 12.09 9.00 -1.67
C TYR C 34 10.59 9.32 -1.75
N ASP C 35 9.80 8.37 -2.27
CA ASP C 35 8.35 8.52 -2.26
C ASP C 35 7.82 7.11 -2.30
N ILE C 36 6.73 6.86 -1.57
CA ILE C 36 6.11 5.53 -1.66
C ILE C 36 5.49 5.25 -3.04
N ASN C 37 5.29 6.28 -3.84
CA ASN C 37 4.71 6.13 -5.18
C ASN C 37 5.90 6.29 -6.15
N ASP C 38 6.06 5.36 -7.07
CA ASP C 38 7.18 5.35 -8.03
C ASP C 38 7.01 6.19 -9.30
N SER C 39 5.86 6.84 -9.43
CA SER C 39 5.57 7.67 -10.58
C SER C 39 6.30 9.05 -10.48
N VAL C 40 7.59 9.06 -10.78
CA VAL C 40 8.51 10.15 -10.39
C VAL C 40 9.42 10.61 -11.54
N GLY C 41 9.03 10.27 -12.77
CA GLY C 41 9.88 10.52 -13.94
C GLY C 41 10.29 11.98 -14.17
N ILE C 42 9.48 12.90 -13.65
CA ILE C 42 9.82 14.34 -13.68
C ILE C 42 11.24 14.60 -13.18
N ILE C 43 11.73 13.75 -12.29
CA ILE C 43 13.02 13.95 -11.66
C ILE C 43 14.13 13.99 -12.72
N ASP C 44 13.98 13.22 -13.80
CA ASP C 44 14.97 13.21 -14.87
C ASP C 44 15.17 14.59 -15.52
N SER C 45 14.12 15.42 -15.52
CA SER C 45 14.14 16.71 -16.22
C SER C 45 14.72 17.81 -15.36
N ILE C 46 15.00 17.49 -14.10
CA ILE C 46 15.51 18.49 -13.16
C ILE C 46 16.83 18.01 -12.51
N SER C 47 16.86 16.77 -12.03
CA SER C 47 18.08 16.18 -11.47
C SER C 47 18.23 14.72 -11.91
N PRO C 48 18.81 14.50 -13.09
CA PRO C 48 18.94 13.18 -13.71
C PRO C 48 19.81 12.23 -12.91
N GLN C 49 20.52 12.75 -11.91
CA GLN C 49 21.54 11.95 -11.26
C GLN C 49 21.08 11.51 -9.84
N SER C 50 19.91 11.95 -9.42
CA SER C 50 19.42 11.55 -8.09
C SER C 50 19.15 10.04 -8.00
N GLU C 51 19.50 9.44 -6.86
CA GLU C 51 18.92 8.13 -6.54
C GLU C 51 17.47 8.25 -6.09
N PHE C 52 16.77 7.12 -6.10
CA PHE C 52 15.36 7.14 -5.75
C PHE C 52 15.01 5.88 -5.02
N PHE C 53 14.14 6.00 -4.03
CA PHE C 53 13.73 4.86 -3.21
C PHE C 53 12.25 4.92 -2.98
N THR C 54 11.61 3.77 -2.92
CA THR C 54 10.17 3.71 -2.60
C THR C 54 9.84 3.25 -1.20
N GLU C 55 10.84 2.83 -0.43
CA GLU C 55 10.65 2.33 0.94
C GLU C 55 11.62 3.03 1.87
N PHE C 56 11.09 3.53 2.99
CA PHE C 56 11.92 4.29 3.94
C PHE C 56 13.18 3.51 4.38
N GLU C 57 13.03 2.21 4.59
CA GLU C 57 14.13 1.30 5.00
C GLU C 57 15.34 1.56 4.08
N PHE C 58 15.09 1.62 2.77
CA PHE C 58 16.17 1.68 1.83
C PHE C 58 16.74 3.07 1.70
N PHE C 59 15.86 4.08 1.80
CA PHE C 59 16.29 5.48 1.75
C PHE C 59 17.24 5.74 2.93
N LEU C 60 16.84 5.25 4.10
CA LEU C 60 17.58 5.51 5.36
C LEU C 60 18.94 4.86 5.36
N ASP C 61 19.03 3.63 4.87
CA ASP C 61 20.32 2.93 4.78
C ASP C 61 21.25 3.66 3.82
N HIS C 62 20.72 4.05 2.68
CA HIS C 62 21.50 4.80 1.70
C HIS C 62 21.99 6.14 2.27
N ALA C 63 21.10 6.88 2.90
CA ALA C 63 21.50 8.15 3.53
C ALA C 63 22.56 7.98 4.62
N SER C 64 22.41 6.92 5.41
CA SER C 64 23.42 6.63 6.45
C SER C 64 24.77 6.30 5.83
N ASN C 65 24.75 5.61 4.71
CA ASN C 65 26.00 5.19 4.10
C ASN C 65 26.71 6.41 3.49
N LEU C 66 25.93 7.36 2.99
CA LEU C 66 26.46 8.58 2.44
C LEU C 66 27.31 9.33 3.46
N LYS C 67 26.99 9.18 4.75
CA LYS C 67 27.74 9.86 5.80
C LYS C 67 29.22 9.55 5.89
N ARG C 68 29.63 8.42 5.32
CA ARG C 68 30.98 7.93 5.54
C ARG C 68 32.02 8.74 4.78
N ASP C 69 31.59 9.54 3.83
CA ASP C 69 32.51 10.44 3.11
C ASP C 69 31.93 11.86 3.19
N SER C 70 32.71 12.83 3.66
CA SER C 70 32.13 14.18 3.72
C SER C 70 31.74 14.76 2.37
N ALA C 71 32.36 14.30 1.29
CA ALA C 71 31.93 14.73 -0.01
C ALA C 71 30.52 14.27 -0.38
N THR C 72 30.13 13.05 0.01
CA THR C 72 28.84 12.51 -0.42
C THR C 72 27.75 12.73 0.64
N ALA C 73 28.13 13.05 1.88
CA ALA C 73 27.14 13.22 2.96
C ALA C 73 26.04 14.21 2.66
N LEU C 74 24.82 13.89 3.09
CA LEU C 74 23.73 14.84 2.92
C LEU C 74 23.93 16.07 3.80
N ASP C 75 23.64 17.24 3.23
CA ASP C 75 23.56 18.52 3.97
C ASP C 75 22.15 18.85 4.45
N TYR C 76 21.16 18.61 3.59
CA TYR C 76 19.76 18.92 3.88
C TYR C 76 18.85 17.77 3.51
N VAL C 77 17.82 17.56 4.32
CA VAL C 77 16.71 16.71 3.91
C VAL C 77 15.51 17.62 3.78
N SER C 78 14.92 17.65 2.59
CA SER C 78 13.71 18.47 2.31
C SER C 78 12.46 17.58 2.33
N ILE C 79 11.37 18.08 2.93
CA ILE C 79 10.19 17.25 3.23
C ILE C 79 8.91 17.87 2.64
N CYS C 80 8.28 17.10 1.75
CA CYS C 80 7.05 17.42 1.04
CA CYS C 80 6.98 17.50 1.21
C CYS C 80 6.02 16.30 1.21
N SER C 81 6.08 15.58 2.32
CA SER C 81 5.15 14.48 2.56
C SER C 81 3.85 14.97 3.16
N PRO C 82 2.86 14.08 3.28
CA PRO C 82 1.60 14.47 3.95
C PRO C 82 1.85 14.99 5.38
N ASN C 83 0.93 15.81 5.88
CA ASN C 83 1.13 16.58 7.13
C ASN C 83 1.49 15.68 8.31
N TYR C 84 0.77 14.57 8.46
CA TYR C 84 0.99 13.74 9.63
C TYR C 84 2.37 13.07 9.61
N LEU C 85 3.01 13.04 8.46
CA LEU C 85 4.35 12.43 8.39
C LEU C 85 5.47 13.45 8.64
N HIS C 86 5.16 14.75 8.69
CA HIS C 86 6.26 15.71 8.84
C HIS C 86 7.11 15.42 10.06
N TYR C 87 6.46 15.22 11.19
CA TYR C 87 7.20 15.03 12.43
C TYR C 87 8.24 13.91 12.32
N PRO C 88 7.82 12.67 12.00
CA PRO C 88 8.86 11.65 11.94
C PRO C 88 9.88 11.82 10.83
N HIS C 89 9.47 12.38 9.71
CA HIS C 89 10.46 12.66 8.68
C HIS C 89 11.51 13.69 9.15
N ILE C 90 11.04 14.71 9.87
CA ILE C 90 11.96 15.76 10.39
C ILE C 90 12.93 15.10 11.40
N ALA C 91 12.36 14.25 12.26
CA ALA C 91 13.15 13.65 13.33
C ALA C 91 14.27 12.81 12.73
N ALA C 92 13.89 12.03 11.71
CA ALA C 92 14.83 11.15 11.03
C ALA C 92 15.88 11.97 10.32
N GLY C 93 15.45 13.05 9.66
CA GLY C 93 16.41 13.94 8.96
C GLY C 93 17.48 14.55 9.87
N LEU C 94 17.04 15.12 10.96
CA LEU C 94 17.99 15.67 11.96
C LEU C 94 18.90 14.58 12.50
N ARG C 95 18.33 13.41 12.76
CA ARG C 95 19.13 12.30 13.30
C ARG C 95 20.14 11.69 12.31
N LEU C 96 19.97 11.97 11.03
CA LEU C 96 20.92 11.57 10.04
C LEU C 96 22.05 12.59 10.01
N GLY C 97 21.98 13.63 10.82
CA GLY C 97 23.03 14.66 10.74
C GLY C 97 22.88 15.76 9.72
N CYS C 98 21.63 16.05 9.36
CA CYS C 98 21.29 17.01 8.31
C CYS C 98 20.46 18.10 8.90
N ASP C 99 20.59 19.27 8.31
CA ASP C 99 19.58 20.24 8.54
C ASP C 99 18.32 19.87 7.74
N VAL C 100 17.15 20.42 8.13
CA VAL C 100 15.88 19.91 7.58
C VAL C 100 15.10 21.09 7.10
N ILE C 101 14.52 20.96 5.90
CA ILE C 101 13.61 21.95 5.32
C ILE C 101 12.23 21.32 5.13
N CYS C 102 11.23 21.80 5.84
CA CYS C 102 9.92 21.11 5.84
C CYS C 102 8.82 22.07 5.39
N GLU C 103 7.88 21.53 4.61
CA GLU C 103 6.68 22.27 4.17
C GLU C 103 5.76 22.59 5.32
N LYS C 104 4.95 23.60 5.02
CA LYS C 104 3.84 23.95 5.90
C LYS C 104 2.66 23.00 5.68
N PRO C 105 1.80 22.88 6.69
CA PRO C 105 2.05 23.27 8.08
C PRO C 105 3.15 22.44 8.67
N LEU C 106 4.02 23.07 9.45
CA LEU C 106 5.25 22.37 9.86
C LEU C 106 4.90 21.08 10.65
N VAL C 107 4.24 21.24 11.79
CA VAL C 107 3.63 20.14 12.57
C VAL C 107 2.37 20.72 13.23
N PRO C 108 1.49 19.87 13.77
CA PRO C 108 0.21 20.42 14.20
C PRO C 108 0.17 21.08 15.58
N THR C 109 1.12 20.80 16.45
CA THR C 109 1.00 21.25 17.81
C THR C 109 2.30 21.87 18.32
N PRO C 110 2.18 22.79 19.28
CA PRO C 110 3.37 23.35 19.89
C PRO C 110 4.18 22.36 20.70
N GLU C 111 3.55 21.32 21.25
CA GLU C 111 4.26 20.27 21.94
C GLU C 111 5.21 19.56 21.00
N MET C 112 4.74 19.27 19.78
CA MET C 112 5.64 18.73 18.80
C MET C 112 6.79 19.67 18.46
N LEU C 113 6.52 20.99 18.41
CA LEU C 113 7.64 21.94 18.26
C LEU C 113 8.67 21.80 19.37
N ASP C 114 8.25 21.73 20.62
CA ASP C 114 9.17 21.50 21.74
C ASP C 114 10.00 20.22 21.56
N GLN C 115 9.34 19.15 21.14
CA GLN C 115 10.05 17.91 20.94
C GLN C 115 11.10 18.02 19.81
N LEU C 116 10.76 18.75 18.75
CA LEU C 116 11.73 18.91 17.69
C LEU C 116 12.85 19.80 18.12
N ALA C 117 12.57 20.81 18.97
CA ALA C 117 13.70 21.63 19.44
C ALA C 117 14.67 20.78 20.29
N VAL C 118 14.12 19.80 21.04
CA VAL C 118 14.98 18.82 21.72
C VAL C 118 15.90 18.04 20.80
N ILE C 119 15.35 17.49 19.72
CA ILE C 119 16.20 16.85 18.73
C ILE C 119 17.26 17.76 18.09
N GLU C 120 16.88 19.00 17.81
CA GLU C 120 17.89 19.96 17.30
C GLU C 120 19.12 20.02 18.23
N ARG C 121 18.84 20.08 19.53
CA ARG C 121 19.92 20.16 20.51
CA ARG C 121 19.90 20.16 20.52
C ARG C 121 20.70 18.86 20.64
N GLU C 122 20.02 17.73 20.46
CA GLU C 122 20.69 16.44 20.53
C GLU C 122 21.60 16.19 19.31
N THR C 123 21.21 16.75 18.18
CA THR C 123 21.87 16.47 16.92
C THR C 123 22.73 17.65 16.43
N ASP C 124 22.63 18.83 17.04
CA ASP C 124 23.37 20.03 16.57
C ASP C 124 23.01 20.40 15.12
N LYS C 125 21.75 20.15 14.79
CA LYS C 125 21.25 20.55 13.50
C LYS C 125 20.03 21.36 13.67
N ARG C 126 19.55 21.88 12.54
CA ARG C 126 18.44 22.83 12.59
C ARG C 126 17.34 22.51 11.61
N LEU C 127 16.12 22.85 12.00
CA LEU C 127 14.91 22.72 11.22
C LEU C 127 14.44 24.07 10.69
N TYR C 128 14.15 24.11 9.39
CA TYR C 128 13.59 25.30 8.77
C TYR C 128 12.27 25.00 8.13
N ASN C 129 11.40 26.02 8.05
CA ASN C 129 10.03 25.82 7.59
C ASN C 129 9.83 26.70 6.35
N ILE C 130 9.13 26.19 5.32
CA ILE C 130 8.74 27.02 4.18
C ILE C 130 7.56 27.91 4.56
N LEU C 131 7.82 29.22 4.56
CA LEU C 131 6.81 30.26 4.78
C LEU C 131 6.93 31.29 3.68
N GLN C 132 6.68 30.84 2.44
CA GLN C 132 7.21 31.55 1.29
C GLN C 132 6.44 32.82 1.00
N LEU C 133 5.22 32.93 1.51
CA LEU C 133 4.50 34.22 1.45
C LEU C 133 5.24 35.38 2.11
N ARG C 134 6.08 35.10 3.09
CA ARG C 134 6.87 36.13 3.73
C ARG C 134 7.82 36.82 2.73
N HIS C 135 8.08 36.17 1.61
CA HIS C 135 9.00 36.73 0.57
C HIS C 135 8.34 37.50 -0.53
N HIS C 136 7.02 37.50 -0.55
CA HIS C 136 6.27 38.15 -1.60
C HIS C 136 6.33 39.66 -1.38
N GLN C 137 6.64 40.41 -2.44
CA GLN C 137 6.83 41.85 -2.34
C GLN C 137 5.64 42.57 -1.71
N ALA C 138 4.42 42.11 -2.03
CA ALA C 138 3.20 42.75 -1.51
C ALA C 138 3.04 42.55 -0.01
N ILE C 139 3.49 41.42 0.51
CA ILE C 139 3.39 41.15 1.96
C ILE C 139 4.44 41.97 2.70
N ILE C 140 5.65 41.99 2.14
CA ILE C 140 6.73 42.83 2.66
C ILE C 140 6.32 44.31 2.64
N ALA C 141 5.72 44.77 1.56
CA ALA C 141 5.30 46.18 1.50
C ALA C 141 4.24 46.52 2.56
N LEU C 142 3.27 45.64 2.76
CA LEU C 142 2.27 45.87 3.78
C LEU C 142 2.89 45.80 5.18
N LYS C 143 3.81 44.85 5.40
CA LYS C 143 4.45 44.79 6.70
C LYS C 143 5.11 46.16 6.97
N ASP C 144 5.73 46.71 5.93
CA ASP C 144 6.55 47.92 6.14
C ASP C 144 5.63 49.11 6.32
N LYS C 145 4.51 49.09 5.62
CA LYS C 145 3.52 50.16 5.78
C LYS C 145 2.90 50.21 7.18
N VAL C 146 2.52 49.04 7.68
CA VAL C 146 1.99 48.95 9.03
C VAL C 146 3.02 49.41 10.08
N ALA C 147 4.29 49.06 9.87
CA ALA C 147 5.35 49.38 10.81
C ALA C 147 5.61 50.90 10.82
N ARG C 148 5.45 51.55 9.69
CA ARG C 148 5.79 52.97 9.60
C ARG C 148 4.67 53.90 10.05
N GLU C 149 3.43 53.55 9.73
CA GLU C 149 2.29 54.37 10.11
C GLU C 149 2.08 54.33 11.61
N LYS C 150 1.52 55.39 12.16
CA LYS C 150 1.61 55.59 13.60
C LYS C 150 0.25 55.67 14.29
N SER C 151 -0.78 55.09 13.67
CA SER C 151 -2.12 55.09 14.25
C SER C 151 -2.21 54.25 15.52
N PRO C 152 -2.85 54.81 16.58
CA PRO C 152 -3.01 54.01 17.81
C PRO C 152 -4.12 52.99 17.64
N HIS C 153 -4.89 53.12 16.55
CA HIS C 153 -6.04 52.26 16.28
C HIS C 153 -5.67 51.13 15.33
N LYS C 154 -6.03 49.91 15.68
CA LYS C 154 -5.72 48.72 14.86
C LYS C 154 -6.35 48.71 13.47
N TYR C 155 -5.72 48.05 12.52
CA TYR C 155 -6.27 47.90 11.18
C TYR C 155 -7.40 46.86 11.25
N GLU C 156 -8.41 47.01 10.41
CA GLU C 156 -9.52 46.07 10.42
C GLU C 156 -9.44 45.21 9.17
N VAL C 157 -9.20 43.91 9.39
CA VAL C 157 -8.88 43.01 8.30
C VAL C 157 -9.93 41.90 8.18
N ASP C 158 -10.41 41.69 6.96
CA ASP C 158 -11.34 40.59 6.69
C ASP C 158 -10.62 39.65 5.75
N LEU C 159 -10.51 38.39 6.13
CA LEU C 159 -9.84 37.40 5.27
C LEU C 159 -10.79 36.29 4.89
N THR C 160 -10.85 36.04 3.58
CA THR C 160 -11.73 35.02 3.00
C THR C 160 -10.96 34.18 2.02
N TYR C 161 -10.95 32.87 2.23
CA TYR C 161 -10.28 31.98 1.30
C TYR C 161 -11.09 30.70 1.11
N ILE C 162 -11.52 30.47 -0.12
CA ILE C 162 -12.45 29.39 -0.42
C ILE C 162 -11.80 28.67 -1.57
N THR C 163 -11.40 27.42 -1.33
CA THR C 163 -10.57 26.76 -2.32
C THR C 163 -11.24 25.45 -2.64
N SER C 164 -11.98 25.45 -3.74
CA SER C 164 -12.64 24.28 -4.15
C SER C 164 -11.89 23.53 -5.23
N ARG C 165 -12.05 22.23 -5.13
CA ARG C 165 -11.34 21.26 -5.95
CA ARG C 165 -11.38 21.26 -5.94
C ARG C 165 -12.31 20.11 -6.28
N GLY C 166 -11.87 19.24 -7.19
CA GLY C 166 -12.72 18.16 -7.66
C GLY C 166 -12.85 16.99 -6.67
N ASN C 167 -13.57 15.96 -7.08
CA ASN C 167 -13.91 14.83 -6.21
C ASN C 167 -12.66 14.14 -5.63
N TRP C 168 -11.56 14.17 -6.37
CA TRP C 168 -10.31 13.50 -5.92
C TRP C 168 -9.84 14.05 -4.56
N TYR C 169 -10.11 15.33 -4.31
CA TYR C 169 -9.46 16.03 -3.20
C TYR C 169 -9.84 15.37 -1.89
N LEU C 170 -11.13 15.17 -1.66
CA LEU C 170 -11.51 14.61 -0.40
C LEU C 170 -11.23 13.10 -0.31
N LYS C 171 -10.88 12.45 -1.44
CA LYS C 171 -10.47 11.04 -1.44
C LYS C 171 -8.99 10.94 -1.08
N SER C 172 -8.29 12.07 -1.16
CA SER C 172 -6.85 12.11 -0.83
C SER C 172 -6.59 12.22 0.67
N TRP C 173 -5.32 12.07 1.07
CA TRP C 173 -4.97 12.37 2.48
C TRP C 173 -5.43 13.77 2.93
N LYS C 174 -5.57 14.70 1.98
CA LYS C 174 -6.06 16.04 2.36
C LYS C 174 -7.48 16.06 2.89
N GLY C 175 -8.23 14.99 2.61
CA GLY C 175 -9.58 14.84 3.16
C GLY C 175 -9.72 13.95 4.38
N ASP C 176 -8.59 13.49 4.92
CA ASP C 176 -8.56 12.68 6.12
C ASP C 176 -8.05 13.55 7.24
N PRO C 177 -8.93 13.91 8.15
CA PRO C 177 -8.59 14.82 9.24
C PRO C 177 -7.43 14.32 10.08
N ARG C 178 -7.29 12.99 10.22
CA ARG C 178 -6.14 12.44 10.94
C ARG C 178 -4.79 12.56 10.22
N LYS C 179 -4.81 12.75 8.89
CA LYS C 179 -3.59 12.96 8.09
C LYS C 179 -3.29 14.43 7.82
N SER C 180 -4.36 15.20 7.72
CA SER C 180 -4.30 16.60 7.26
C SER C 180 -4.23 17.58 8.39
N PHE C 181 -4.84 17.19 9.51
CA PHE C 181 -5.06 18.03 10.70
C PHE C 181 -6.12 19.13 10.59
N GLY C 182 -6.91 19.06 9.53
CA GLY C 182 -8.11 19.91 9.37
C GLY C 182 -7.94 21.26 8.66
N VAL C 183 -9.03 22.03 8.60
CA VAL C 183 -9.07 23.25 7.75
C VAL C 183 -8.12 24.37 8.17
N ALA C 184 -8.20 24.81 9.42
CA ALA C 184 -7.28 25.88 9.84
C ALA C 184 -5.83 25.48 9.55
N THR C 185 -5.49 24.23 9.82
CA THR C 185 -4.10 23.80 9.79
C THR C 185 -3.56 23.52 8.36
N ASN C 186 -4.31 22.78 7.55
CA ASN C 186 -3.89 22.49 6.20
C ASN C 186 -4.16 23.62 5.19
N ILE C 187 -5.29 24.32 5.35
CA ILE C 187 -5.70 25.41 4.43
C ILE C 187 -5.26 26.80 4.90
N GLY C 188 -5.31 27.05 6.22
CA GLY C 188 -5.15 28.42 6.76
C GLY C 188 -3.76 28.82 7.22
N VAL C 189 -2.90 27.85 7.47
CA VAL C 189 -1.70 28.08 8.26
C VAL C 189 -0.83 29.24 7.71
N HIS C 190 -0.62 29.31 6.39
CA HIS C 190 0.28 30.35 5.84
C HIS C 190 -0.37 31.74 5.93
N PHE C 191 -1.70 31.78 5.88
CA PHE C 191 -2.42 33.05 6.13
C PHE C 191 -2.29 33.55 7.56
N TYR C 192 -2.37 32.64 8.54
CA TYR C 192 -2.20 33.04 9.92
C TYR C 192 -0.76 33.49 10.14
N ASP C 193 0.19 32.84 9.48
CA ASP C 193 1.57 33.25 9.57
C ASP C 193 1.72 34.66 8.99
N MET C 194 1.11 34.90 7.84
CA MET C 194 1.23 36.19 7.18
C MET C 194 0.67 37.26 8.13
N LEU C 195 -0.44 36.98 8.79
CA LEU C 195 -1.06 37.99 9.67
C LEU C 195 -0.15 38.33 10.82
N HIS C 196 0.47 37.32 11.43
CA HIS C 196 1.43 37.52 12.49
C HIS C 196 2.62 38.35 11.98
N PHE C 197 3.04 38.07 10.74
CA PHE C 197 4.24 38.67 10.19
C PHE C 197 4.01 40.16 10.01
N ILE C 198 2.79 40.51 9.60
CA ILE C 198 2.38 41.91 9.34
C ILE C 198 1.91 42.60 10.62
N PHE C 199 1.18 41.88 11.49
CA PHE C 199 0.42 42.58 12.55
C PHE C 199 0.84 42.30 14.00
N GLY C 200 1.85 41.48 14.20
CA GLY C 200 2.45 41.32 15.52
C GLY C 200 1.89 40.15 16.29
N LYS C 201 1.94 40.25 17.62
CA LYS C 201 1.58 39.14 18.49
C LYS C 201 0.07 38.97 18.52
N LEU C 202 -0.36 37.72 18.55
CA LEU C 202 -1.77 37.38 18.71
C LEU C 202 -2.19 37.53 20.18
N GLN C 203 -3.29 38.25 20.42
CA GLN C 203 -3.77 38.52 21.77
C GLN C 203 -5.00 37.68 22.11
N ARG C 204 -5.88 37.49 21.14
CA ARG C 204 -7.17 36.83 21.37
C ARG C 204 -7.44 35.94 20.16
N ASN C 205 -7.84 34.68 20.39
CA ASN C 205 -8.11 33.75 19.29
C ASN C 205 -9.44 33.05 19.55
N VAL C 206 -10.48 33.38 18.80
CA VAL C 206 -11.77 32.74 19.03
C VAL C 206 -12.43 32.19 17.78
N VAL C 207 -13.21 31.13 17.95
CA VAL C 207 -13.73 30.38 16.82
C VAL C 207 -15.27 30.41 16.87
N HIS C 208 -15.88 30.71 15.73
CA HIS C 208 -17.31 30.88 15.67
C HIS C 208 -17.97 29.70 14.99
N PHE C 209 -17.26 29.05 14.07
CA PHE C 209 -17.79 27.83 13.48
C PHE C 209 -16.62 26.93 13.09
N THR C 210 -16.82 25.62 13.18
CA THR C 210 -15.79 24.72 12.67
C THR C 210 -16.41 23.42 12.18
N SER C 211 -15.83 22.87 11.11
CA SER C 211 -16.19 21.51 10.70
C SER C 211 -15.02 20.96 9.94
N GLU C 212 -15.17 19.74 9.41
CA GLU C 212 -14.13 19.20 8.56
C GLU C 212 -13.97 19.97 7.24
N TYR C 213 -14.89 20.88 6.91
CA TYR C 213 -14.92 21.52 5.58
C TYR C 213 -14.72 23.04 5.53
N LYS C 214 -14.98 23.69 6.65
CA LYS C 214 -14.86 25.13 6.72
C LYS C 214 -14.75 25.51 8.17
N THR C 215 -14.28 26.74 8.40
CA THR C 215 -14.17 27.26 9.73
C THR C 215 -14.17 28.78 9.62
N ALA C 216 -14.50 29.44 10.73
CA ALA C 216 -14.49 30.88 10.76
C ALA C 216 -14.23 31.32 12.18
N GLY C 217 -13.52 32.43 12.33
CA GLY C 217 -13.33 32.97 13.67
C GLY C 217 -12.80 34.39 13.62
N TYR C 218 -12.24 34.80 14.76
CA TYR C 218 -11.78 36.16 14.95
C TYR C 218 -10.41 36.10 15.66
N LEU C 219 -9.42 36.80 15.09
CA LEU C 219 -8.12 36.91 15.72
C LEU C 219 -7.86 38.37 16.06
N GLU C 220 -7.35 38.67 17.25
CA GLU C 220 -6.89 40.04 17.50
C GLU C 220 -5.39 40.05 17.75
N TYR C 221 -4.68 40.83 16.93
CA TYR C 221 -3.26 40.96 16.99
C TYR C 221 -2.92 42.29 17.61
N GLU C 222 -1.66 42.48 17.97
CA GLU C 222 -1.18 43.79 18.40
C GLU C 222 -1.66 44.92 17.48
N GLN C 223 -1.71 44.66 16.17
CA GLN C 223 -1.97 45.73 15.20
C GLN C 223 -3.26 45.57 14.36
N ALA C 224 -4.02 44.50 14.56
CA ALA C 224 -5.16 44.22 13.70
C ALA C 224 -6.28 43.49 14.42
N ARG C 225 -7.50 43.77 13.99
CA ARG C 225 -8.69 42.96 14.29
C ARG C 225 -9.06 42.20 13.03
N VAL C 226 -8.94 40.87 13.08
CA VAL C 226 -9.12 40.02 11.89
C VAL C 226 -10.31 39.06 11.96
N ARG C 227 -11.22 39.18 11.00
CA ARG C 227 -12.37 38.27 10.93
C ARG C 227 -12.07 37.34 9.76
N TRP C 228 -12.08 36.02 9.99
CA TRP C 228 -11.59 35.11 8.95
C TRP C 228 -12.57 33.99 8.65
N PHE C 229 -12.56 33.58 7.39
CA PHE C 229 -13.39 32.46 6.93
C PHE C 229 -12.58 31.62 5.95
N LEU C 230 -12.49 30.31 6.23
CA LEU C 230 -11.86 29.35 5.31
C LEU C 230 -12.78 28.18 4.95
N SER C 231 -12.76 27.77 3.69
CA SER C 231 -13.64 26.69 3.26
C SER C 231 -13.08 25.94 2.07
N VAL C 232 -13.34 24.63 2.02
CA VAL C 232 -13.12 23.86 0.78
C VAL C 232 -14.44 23.55 0.07
N ASP C 233 -15.51 24.23 0.48
CA ASP C 233 -16.84 23.92 -0.04
C ASP C 233 -17.26 24.95 -1.07
N ALA C 234 -17.36 24.53 -2.32
CA ALA C 234 -17.60 25.49 -3.42
C ALA C 234 -18.94 26.23 -3.27
N ASN C 235 -19.88 25.61 -2.57
CA ASN C 235 -21.13 26.28 -2.19
C ASN C 235 -20.88 27.65 -1.56
N ASP C 236 -19.81 27.76 -0.79
CA ASP C 236 -19.48 29.03 -0.14
C ASP C 236 -18.95 30.12 -1.07
N LEU C 237 -18.66 29.75 -2.32
CA LEU C 237 -18.08 30.72 -3.26
C LEU C 237 -19.03 31.90 -3.49
N PRO C 238 -18.49 33.13 -3.59
CA PRO C 238 -19.31 34.29 -3.93
C PRO C 238 -19.23 34.62 -5.43
N PRO C 246 -11.81 28.25 -9.41
CA PRO C 246 -12.63 27.63 -8.38
C PRO C 246 -12.28 28.13 -6.99
N THR C 247 -11.59 29.26 -6.92
CA THR C 247 -11.14 29.78 -5.64
C THR C 247 -11.54 31.24 -5.54
N TYR C 248 -11.83 31.67 -4.33
CA TYR C 248 -12.02 33.07 -4.03
C TYR C 248 -11.04 33.43 -2.94
N ARG C 249 -10.22 34.46 -3.17
CA ARG C 249 -9.39 34.94 -2.10
C ARG C 249 -9.57 36.41 -1.91
N SER C 250 -9.89 36.82 -0.70
CA SER C 250 -10.00 38.24 -0.46
C SER C 250 -9.36 38.57 0.87
N ILE C 251 -8.42 39.50 0.84
CA ILE C 251 -7.91 40.06 2.08
C ILE C 251 -8.07 41.56 2.02
N THR C 252 -8.95 42.09 2.86
CA THR C 252 -9.12 43.54 2.93
C THR C 252 -8.48 44.12 4.17
N VAL C 253 -7.78 45.23 3.97
CA VAL C 253 -7.23 46.00 5.08
C VAL C 253 -7.96 47.31 5.09
N ASN C 254 -8.67 47.59 6.18
CA ASN C 254 -9.50 48.79 6.25
C ASN C 254 -10.28 48.96 4.96
N GLY C 255 -10.93 47.89 4.52
CA GLY C 255 -11.84 47.95 3.37
C GLY C 255 -11.15 47.88 2.01
N GLU C 256 -9.83 48.02 1.98
CA GLU C 256 -9.12 48.01 0.71
C GLU C 256 -8.50 46.65 0.40
N GLU C 257 -8.62 46.24 -0.86
CA GLU C 257 -8.25 44.91 -1.29
C GLU C 257 -6.74 44.77 -1.46
N MET C 258 -6.17 43.73 -0.86
CA MET C 258 -4.75 43.48 -1.01
C MET C 258 -4.48 43.06 -2.44
N GLU C 259 -3.39 43.54 -3.01
CA GLU C 259 -3.01 43.15 -4.37
C GLU C 259 -1.70 42.38 -4.43
N PHE C 260 -1.76 41.20 -5.04
CA PHE C 260 -0.76 40.16 -4.81
C PHE C 260 0.00 39.78 -6.08
N ASP C 266 10.52 32.23 -8.54
CA ASP C 266 9.59 31.35 -7.82
C ASP C 266 9.80 31.51 -6.31
N LEU C 267 8.71 31.70 -5.56
CA LEU C 267 8.90 31.96 -4.13
C LEU C 267 9.56 30.79 -3.37
N HIS C 268 9.37 29.56 -3.83
CA HIS C 268 10.07 28.46 -3.18
C HIS C 268 11.60 28.53 -3.45
N THR C 269 12.01 28.98 -4.63
CA THR C 269 13.44 29.18 -4.86
C THR C 269 13.98 30.27 -3.93
N THR C 270 13.23 31.36 -3.77
CA THR C 270 13.62 32.35 -2.77
C THR C 270 13.74 31.74 -1.38
N SER C 271 12.77 30.88 -1.01
CA SER C 271 12.81 30.29 0.33
C SER C 271 14.11 29.56 0.59
N TYR C 272 14.50 28.78 -0.43
CA TYR C 272 15.73 28.01 -0.40
C TYR C 272 16.94 28.94 -0.35
N GLU C 273 16.92 29.99 -1.16
CA GLU C 273 18.07 30.96 -1.15
C GLU C 273 18.25 31.50 0.26
N GLU C 274 17.14 31.89 0.88
CA GLU C 274 17.20 32.40 2.23
C GLU C 274 17.70 31.37 3.26
N ILE C 275 17.23 30.12 3.20
CA ILE C 275 17.81 29.09 4.08
C ILE C 275 19.31 28.91 3.90
N LEU C 276 19.75 28.83 2.64
CA LEU C 276 21.12 28.64 2.35
C LEU C 276 21.99 29.83 2.80
N ALA C 277 21.34 30.99 2.94
CA ALA C 277 22.02 32.25 3.36
C ALA C 277 22.07 32.37 4.88
N GLY C 278 21.62 31.34 5.60
CA GLY C 278 21.48 31.44 7.06
C GLY C 278 20.33 32.29 7.55
N ARG C 279 19.36 32.54 6.68
CA ARG C 279 18.21 33.37 7.04
C ARG C 279 16.90 32.60 7.01
N GLY C 280 16.96 31.29 7.17
CA GLY C 280 15.71 30.53 7.21
C GLY C 280 14.85 30.79 8.44
N TYR C 281 13.59 30.37 8.34
CA TYR C 281 12.61 30.51 9.45
C TYR C 281 12.65 29.23 10.25
N GLY C 282 12.99 29.31 11.53
CA GLY C 282 13.15 28.10 12.34
C GLY C 282 11.92 27.86 13.20
N ILE C 283 12.06 27.04 14.20
CA ILE C 283 10.96 26.66 15.09
C ILE C 283 10.40 27.91 15.78
N ASP C 284 11.30 28.78 16.22
CA ASP C 284 10.82 30.04 16.85
C ASP C 284 9.92 30.89 15.92
N ASP C 285 10.23 30.91 14.63
CA ASP C 285 9.44 31.68 13.69
C ASP C 285 8.12 30.99 13.35
N ALA C 286 8.13 29.66 13.23
CA ALA C 286 6.90 28.94 12.89
C ALA C 286 6.00 28.73 14.09
N ARG C 287 6.53 28.86 15.30
CA ARG C 287 5.68 28.66 16.50
C ARG C 287 4.35 29.47 16.50
N HIS C 288 4.38 30.73 16.07
CA HIS C 288 3.16 31.52 16.10
CA HIS C 288 3.18 31.55 16.08
C HIS C 288 2.04 30.92 15.29
N CYS C 289 2.30 30.51 14.05
CA CYS C 289 1.20 30.04 13.24
C CYS C 289 0.78 28.64 13.71
N VAL C 290 1.71 27.87 14.22
CA VAL C 290 1.35 26.54 14.71
C VAL C 290 0.46 26.63 15.98
N GLU C 291 0.79 27.53 16.91
CA GLU C 291 -0.07 27.76 18.09
C GLU C 291 -1.44 28.25 17.66
N THR C 292 -1.48 29.11 16.66
CA THR C 292 -2.73 29.66 16.21
C THR C 292 -3.63 28.55 15.68
N VAL C 293 -3.09 27.74 14.78
CA VAL C 293 -3.93 26.69 14.18
C VAL C 293 -4.27 25.58 15.19
N ASN C 294 -3.37 25.27 16.11
CA ASN C 294 -3.62 24.28 17.17
C ASN C 294 -4.81 24.70 18.02
N THR C 295 -4.79 25.96 18.41
CA THR C 295 -5.94 26.53 19.14
C THR C 295 -7.23 26.41 18.37
N ILE C 296 -7.23 26.86 17.12
CA ILE C 296 -8.42 26.80 16.28
C ILE C 296 -8.91 25.35 16.13
N ARG C 297 -8.01 24.39 15.90
CA ARG C 297 -8.43 23.01 15.65
C ARG C 297 -9.27 22.41 16.79
N SER C 298 -8.93 22.73 18.02
CA SER C 298 -9.61 22.12 19.15
C SER C 298 -10.52 23.07 19.92
N ALA C 299 -10.78 24.24 19.33
CA ALA C 299 -11.49 25.32 20.04
C ALA C 299 -12.93 24.90 20.28
N VAL C 300 -13.50 25.34 21.39
CA VAL C 300 -14.93 25.29 21.61
C VAL C 300 -15.47 26.59 21.04
N ILE C 301 -16.44 26.49 20.14
CA ILE C 301 -17.06 27.65 19.52
C ILE C 301 -17.78 28.56 20.52
N VAL C 302 -17.76 29.86 20.24
CA VAL C 302 -18.51 30.84 21.03
C VAL C 302 -19.39 31.66 20.07
N PRO C 303 -20.54 32.18 20.59
CA PRO C 303 -21.37 33.07 19.77
C PRO C 303 -20.55 34.29 19.36
N ALA C 304 -20.73 34.77 18.13
CA ALA C 304 -20.11 36.04 17.67
C ALA C 304 -20.69 37.25 18.37
N SER C 305 -19.82 38.05 18.96
CA SER C 305 -20.27 39.27 19.62
C SER C 305 -19.40 40.45 19.21
N ASP C 306 -19.81 41.66 19.58
CA ASP C 306 -19.05 42.86 19.22
C ASP C 306 -18.69 42.94 17.74
N ASN C 307 -19.50 42.33 16.88
CA ASN C 307 -19.26 42.41 15.43
C ASN C 307 -18.00 41.67 15.00
N GLU C 308 -17.63 40.65 15.77
CA GLU C 308 -16.36 39.96 15.54
C GLU C 308 -16.53 38.87 14.48
N GLY C 309 -17.79 38.60 14.12
CA GLY C 309 -18.13 37.56 13.15
C GLY C 309 -17.86 37.93 11.72
N HIS C 310 -17.09 37.11 11.02
CA HIS C 310 -16.91 37.24 9.58
C HIS C 310 -18.29 37.30 8.93
N PRO C 311 -18.46 38.13 7.88
CA PRO C 311 -19.79 38.21 7.27
C PRO C 311 -20.36 36.90 6.72
N PHE C 312 -19.53 35.90 6.42
CA PHE C 312 -20.04 34.63 5.85
C PHE C 312 -20.67 33.69 6.88
N VAL C 313 -20.51 34.02 8.17
CA VAL C 313 -21.13 33.26 9.25
C VAL C 313 -22.32 34.01 9.86
N MET D 3 13.99 -9.47 31.11
CA MET D 3 14.76 -8.26 31.60
C MET D 3 15.36 -7.45 30.46
N LYS D 4 15.23 -7.96 29.24
CA LYS D 4 15.70 -7.23 28.04
C LYS D 4 14.49 -6.76 27.23
N ASN D 5 14.67 -5.65 26.51
CA ASN D 5 13.60 -5.05 25.70
C ASN D 5 13.79 -5.36 24.21
N PHE D 6 12.74 -5.85 23.56
CA PHE D 6 12.83 -6.27 22.16
C PHE D 6 11.86 -5.41 21.35
N ALA D 7 12.24 -5.18 20.10
CA ALA D 7 11.28 -4.76 19.06
C ALA D 7 11.14 -5.90 18.05
N LEU D 8 9.98 -6.03 17.39
CA LEU D 8 9.78 -7.08 16.43
C LEU D 8 9.28 -6.47 15.13
N ILE D 9 10.06 -6.63 14.07
CA ILE D 9 9.72 -6.13 12.73
C ILE D 9 9.18 -7.34 11.92
N GLY D 10 8.05 -7.14 11.26
CA GLY D 10 7.39 -8.29 10.59
C GLY D 10 6.32 -8.92 11.48
N ALA D 11 5.84 -8.20 12.49
CA ALA D 11 5.14 -8.83 13.60
C ALA D 11 3.78 -9.46 13.25
N ALA D 12 3.20 -9.10 12.10
CA ALA D 12 1.85 -9.60 11.76
C ALA D 12 1.88 -10.87 10.90
N GLY D 13 3.05 -11.44 10.66
CA GLY D 13 3.23 -12.52 9.64
C GLY D 13 3.25 -13.89 10.28
N TYR D 14 3.61 -14.88 9.47
CA TYR D 14 3.41 -16.31 9.84
C TYR D 14 4.31 -16.74 11.03
N ILE D 15 5.59 -16.41 10.91
CA ILE D 15 6.59 -16.84 11.86
C ILE D 15 6.68 -15.95 13.10
N ALA D 16 6.16 -14.70 13.04
CA ALA D 16 6.31 -13.72 14.11
C ALA D 16 5.84 -14.22 15.48
N PRO D 17 4.74 -15.01 15.54
CA PRO D 17 4.35 -15.42 16.89
C PRO D 17 5.40 -16.33 17.57
N ARG D 18 6.24 -17.05 16.81
CA ARG D 18 7.27 -17.83 17.47
C ARG D 18 8.26 -16.91 18.14
N HIS D 19 8.53 -15.76 17.53
CA HIS D 19 9.43 -14.81 18.14
C HIS D 19 8.77 -14.17 19.34
N MET D 20 7.51 -13.81 19.22
CA MET D 20 6.76 -13.26 20.37
C MET D 20 6.82 -14.24 21.55
N ARG D 21 6.61 -15.51 21.28
CA ARG D 21 6.66 -16.56 22.30
CA ARG D 21 6.67 -16.56 22.29
C ARG D 21 8.06 -16.71 22.88
N ALA D 22 9.09 -16.64 22.05
CA ALA D 22 10.48 -16.80 22.54
C ALA D 22 10.84 -15.67 23.49
N ILE D 23 10.36 -14.48 23.18
CA ILE D 23 10.69 -13.32 23.94
C ILE D 23 10.01 -13.45 25.29
N LYS D 24 8.74 -13.90 25.29
CA LYS D 24 8.02 -14.04 26.56
C LYS D 24 8.61 -15.19 27.35
N ASP D 25 8.93 -16.29 26.69
CA ASP D 25 9.33 -17.50 27.43
C ASP D 25 10.74 -17.42 28.03
N THR D 26 11.59 -16.56 27.47
CA THR D 26 12.86 -16.22 28.12
C THR D 26 12.79 -15.08 29.17
N GLY D 27 11.58 -14.68 29.56
CA GLY D 27 11.33 -13.65 30.59
C GLY D 27 11.57 -12.22 30.17
N ASN D 28 11.45 -11.97 28.87
CA ASN D 28 11.80 -10.66 28.32
C ASN D 28 10.59 -9.91 27.83
N CYS D 29 10.79 -8.72 27.31
CA CYS D 29 9.65 -7.84 27.04
CA CYS D 29 9.70 -7.79 27.08
C CYS D 29 9.65 -7.35 25.60
N LEU D 30 8.55 -7.65 24.92
CA LEU D 30 8.33 -7.06 23.60
C LEU D 30 7.72 -5.69 23.76
N VAL D 31 8.51 -4.65 23.54
CA VAL D 31 7.96 -3.33 23.76
C VAL D 31 7.55 -2.56 22.51
N SER D 32 7.96 -3.02 21.34
CA SER D 32 7.54 -2.32 20.14
C SER D 32 7.45 -3.27 19.01
N ALA D 33 6.48 -3.07 18.13
CA ALA D 33 6.33 -4.00 17.01
C ALA D 33 5.96 -3.18 15.81
N TYR D 34 6.37 -3.66 14.63
CA TYR D 34 6.10 -2.91 13.41
C TYR D 34 5.77 -3.89 12.29
N ASP D 35 4.67 -3.64 11.61
CA ASP D 35 4.39 -4.38 10.41
C ASP D 35 3.62 -3.52 9.49
N ILE D 36 3.86 -3.58 8.19
CA ILE D 36 3.04 -2.75 7.30
C ILE D 36 1.54 -3.17 7.20
N ASN D 37 1.22 -4.36 7.68
CA ASN D 37 -0.15 -4.85 7.79
CA ASN D 37 -0.13 -4.94 7.79
C ASN D 37 -0.60 -4.82 9.25
N ASP D 38 -1.82 -4.37 9.45
CA ASP D 38 -2.28 -4.09 10.80
C ASP D 38 -3.06 -5.22 11.46
N SER D 39 -3.11 -6.40 10.85
CA SER D 39 -3.89 -7.49 11.41
C SER D 39 -2.98 -8.32 12.35
N VAL D 40 -2.77 -7.79 13.55
CA VAL D 40 -1.67 -8.24 14.40
C VAL D 40 -2.17 -8.59 15.82
N GLY D 41 -3.49 -8.76 15.97
CA GLY D 41 -4.12 -8.81 17.32
C GLY D 41 -3.63 -9.95 18.18
N ILE D 42 -2.99 -10.95 17.56
CA ILE D 42 -2.34 -12.03 18.31
C ILE D 42 -1.39 -11.45 19.36
N ILE D 43 -0.82 -10.28 19.08
CA ILE D 43 0.08 -9.62 20.02
C ILE D 43 -0.55 -9.42 21.41
N ASP D 44 -1.86 -9.22 21.46
CA ASP D 44 -2.52 -8.95 22.74
C ASP D 44 -2.53 -10.15 23.67
N SER D 45 -2.32 -11.32 23.10
CA SER D 45 -2.38 -12.59 23.84
C SER D 45 -1.03 -12.90 24.45
N ILE D 46 0.00 -12.17 24.03
CA ILE D 46 1.36 -12.46 24.47
C ILE D 46 2.01 -11.24 25.11
N SER D 47 1.99 -10.11 24.39
CA SER D 47 2.55 -8.87 24.92
C SER D 47 1.57 -7.74 24.82
N PRO D 48 0.58 -7.70 25.72
CA PRO D 48 -0.50 -6.73 25.58
C PRO D 48 -0.08 -5.28 25.77
N GLN D 49 1.11 -5.00 26.32
CA GLN D 49 1.51 -3.60 26.47
C GLN D 49 2.45 -3.16 25.35
N SER D 50 2.69 -4.02 24.35
CA SER D 50 3.61 -3.54 23.26
C SER D 50 3.04 -2.35 22.47
N GLU D 51 3.87 -1.39 22.09
CA GLU D 51 3.50 -0.39 21.05
C GLU D 51 3.47 -1.09 19.67
N PHE D 52 2.71 -0.54 18.73
CA PHE D 52 2.66 -1.07 17.37
C PHE D 52 2.68 0.08 16.37
N PHE D 53 3.31 -0.17 15.21
CA PHE D 53 3.39 0.83 14.15
C PHE D 53 3.19 0.17 12.84
N THR D 54 2.51 0.87 11.92
CA THR D 54 2.44 0.37 10.55
C THR D 54 3.36 1.06 9.55
N GLU D 55 4.08 2.12 9.97
CA GLU D 55 4.97 2.85 9.07
C GLU D 55 6.32 2.95 9.74
N PHE D 56 7.38 2.70 8.98
CA PHE D 56 8.73 2.57 9.60
C PHE D 56 9.15 3.92 10.22
N GLU D 57 8.76 5.03 9.59
CA GLU D 57 9.06 6.39 10.10
C GLU D 57 8.65 6.56 11.57
N PHE D 58 7.46 6.10 11.93
CA PHE D 58 6.95 6.27 13.28
C PHE D 58 7.63 5.24 14.18
N PHE D 59 7.83 4.00 13.72
CA PHE D 59 8.54 3.02 14.52
C PHE D 59 9.94 3.54 14.94
N LEU D 60 10.64 4.12 13.99
CA LEU D 60 12.03 4.54 14.19
C LEU D 60 12.09 5.74 15.16
N ASP D 61 11.13 6.64 15.07
CA ASP D 61 11.12 7.80 15.94
C ASP D 61 10.85 7.33 17.37
N HIS D 62 9.90 6.42 17.54
CA HIS D 62 9.62 5.88 18.84
C HIS D 62 10.85 5.18 19.43
N ALA D 63 11.49 4.35 18.63
CA ALA D 63 12.64 3.56 19.15
C ALA D 63 13.77 4.53 19.56
N SER D 64 13.91 5.63 18.81
CA SER D 64 14.93 6.63 19.13
C SER D 64 14.56 7.36 20.42
N ASN D 65 13.28 7.65 20.63
CA ASN D 65 12.90 8.31 21.86
C ASN D 65 13.15 7.39 23.07
N LEU D 66 12.93 6.07 22.92
CA LEU D 66 13.18 5.11 24.02
C LEU D 66 14.61 5.19 24.51
N LYS D 67 15.53 5.52 23.61
CA LYS D 67 16.96 5.50 23.91
C LYS D 67 17.31 6.45 25.02
N ARG D 68 16.49 7.47 25.22
CA ARG D 68 16.86 8.53 26.14
C ARG D 68 16.85 8.11 27.59
N ASP D 69 16.25 6.96 27.86
CA ASP D 69 16.17 6.48 29.22
C ASP D 69 16.73 5.05 29.21
N SER D 70 17.80 4.81 29.96
CA SER D 70 18.44 3.51 29.93
CA SER D 70 18.46 3.50 30.04
C SER D 70 17.49 2.35 30.27
N ALA D 71 16.50 2.61 31.11
CA ALA D 71 15.53 1.56 31.43
C ALA D 71 14.63 1.25 30.23
N THR D 72 14.29 2.25 29.41
CA THR D 72 13.29 1.98 28.36
C THR D 72 13.94 1.58 27.04
N ALA D 73 15.23 1.83 26.89
CA ALA D 73 15.93 1.62 25.60
C ALA D 73 15.80 0.20 25.09
N LEU D 74 15.65 0.05 23.77
CA LEU D 74 15.70 -1.27 23.22
C LEU D 74 17.07 -1.94 23.37
N ASP D 75 17.05 -3.24 23.60
CA ASP D 75 18.25 -4.06 23.64
C ASP D 75 18.41 -4.86 22.34
N TYR D 76 17.28 -5.37 21.81
CA TYR D 76 17.28 -6.21 20.63
C TYR D 76 16.18 -5.75 19.67
N VAL D 77 16.52 -5.87 18.40
CA VAL D 77 15.56 -5.83 17.29
C VAL D 77 15.54 -7.19 16.60
N SER D 78 14.36 -7.83 16.61
CA SER D 78 14.10 -9.12 15.95
C SER D 78 13.36 -8.89 14.63
N ILE D 79 13.73 -9.67 13.63
CA ILE D 79 13.37 -9.38 12.23
C ILE D 79 12.78 -10.60 11.55
N CYS D 80 11.53 -10.45 11.06
CA CYS D 80 10.77 -11.53 10.46
CA CYS D 80 10.93 -11.58 10.33
C CYS D 80 10.10 -10.99 9.19
N SER D 81 10.68 -9.99 8.62
CA SER D 81 10.17 -9.37 7.39
C SER D 81 10.59 -10.16 6.13
N PRO D 82 10.01 -9.85 4.96
CA PRO D 82 10.47 -10.52 3.72
C PRO D 82 11.98 -10.42 3.47
N ASN D 83 12.53 -11.40 2.75
CA ASN D 83 13.98 -11.59 2.66
C ASN D 83 14.72 -10.33 2.21
N TYR D 84 14.17 -9.63 1.21
CA TYR D 84 14.88 -8.47 0.67
C TYR D 84 14.94 -7.32 1.65
N LEU D 85 14.05 -7.33 2.62
CA LEU D 85 14.08 -6.25 3.58
C LEU D 85 15.00 -6.52 4.78
N HIS D 86 15.53 -7.74 4.89
CA HIS D 86 16.39 -8.07 6.05
C HIS D 86 17.56 -7.06 6.14
N TYR D 87 18.22 -6.82 5.04
CA TYR D 87 19.43 -5.96 5.08
C TYR D 87 19.16 -4.58 5.72
N PRO D 88 18.16 -3.82 5.19
CA PRO D 88 18.00 -2.49 5.77
C PRO D 88 17.37 -2.53 7.13
N HIS D 89 16.56 -3.56 7.43
CA HIS D 89 16.08 -3.74 8.80
C HIS D 89 17.22 -4.00 9.78
N ILE D 90 18.13 -4.89 9.40
CA ILE D 90 19.34 -5.13 10.24
C ILE D 90 20.17 -3.86 10.41
N ALA D 91 20.42 -3.19 9.31
CA ALA D 91 21.20 -1.94 9.35
C ALA D 91 20.59 -0.91 10.31
N ALA D 92 19.27 -0.72 10.19
CA ALA D 92 18.60 0.21 11.10
C ALA D 92 18.67 -0.26 12.56
N GLY D 93 18.50 -1.56 12.78
CA GLY D 93 18.56 -2.16 14.13
C GLY D 93 19.90 -1.87 14.78
N LEU D 94 20.98 -2.16 14.08
CA LEU D 94 22.33 -1.91 14.62
C LEU D 94 22.54 -0.43 14.91
N ARG D 95 22.07 0.40 13.99
CA ARG D 95 22.21 1.86 14.12
C ARG D 95 21.33 2.46 15.20
N LEU D 96 20.32 1.72 15.65
CA LEU D 96 19.58 2.12 16.84
C LEU D 96 20.31 1.82 18.15
N GLY D 97 21.48 1.22 18.07
CA GLY D 97 22.12 0.72 19.29
C GLY D 97 21.72 -0.64 19.84
N CYS D 98 21.18 -1.50 18.98
CA CYS D 98 20.66 -2.79 19.36
C CYS D 98 21.42 -3.93 18.76
N ASP D 99 21.47 -5.05 19.48
CA ASP D 99 21.82 -6.28 18.81
C ASP D 99 20.62 -6.69 17.99
N VAL D 100 20.86 -7.52 16.98
CA VAL D 100 19.81 -7.81 16.01
C VAL D 100 19.67 -9.31 15.91
N ILE D 101 18.44 -9.83 15.91
CA ILE D 101 18.18 -11.25 15.65
C ILE D 101 17.36 -11.35 14.36
N CYS D 102 17.86 -12.04 13.35
CA CYS D 102 17.20 -12.00 12.04
C CYS D 102 16.94 -13.39 11.54
N GLU D 103 15.76 -13.60 10.99
CA GLU D 103 15.45 -14.86 10.32
C GLU D 103 16.36 -15.20 9.12
N LYS D 104 16.42 -16.49 8.81
CA LYS D 104 17.06 -16.98 7.58
C LYS D 104 16.10 -16.80 6.41
N PRO D 105 16.63 -16.67 5.18
CA PRO D 105 18.04 -16.41 4.90
C PRO D 105 18.39 -15.02 5.38
N LEU D 106 19.59 -14.91 5.91
CA LEU D 106 19.98 -13.70 6.60
C LEU D 106 20.02 -12.53 5.62
N VAL D 107 20.90 -12.61 4.62
CA VAL D 107 20.92 -11.73 3.44
C VAL D 107 21.36 -12.60 2.24
N PRO D 108 21.14 -12.12 1.02
CA PRO D 108 21.37 -12.92 -0.20
C PRO D 108 22.83 -13.08 -0.64
N THR D 109 23.74 -12.20 -0.21
CA THR D 109 25.08 -12.17 -0.82
C THR D 109 26.16 -12.00 0.24
N PRO D 110 27.35 -12.58 -0.02
CA PRO D 110 28.45 -12.40 0.93
C PRO D 110 28.88 -10.94 1.02
N GLU D 111 28.71 -10.20 -0.07
CA GLU D 111 29.02 -8.78 -0.11
C GLU D 111 28.20 -8.06 0.95
N MET D 112 26.91 -8.38 1.05
CA MET D 112 26.07 -7.79 2.09
C MET D 112 26.52 -8.14 3.49
N LEU D 113 27.02 -9.36 3.68
CA LEU D 113 27.57 -9.70 4.98
C LEU D 113 28.74 -8.81 5.36
N ASP D 114 29.64 -8.56 4.40
CA ASP D 114 30.80 -7.69 4.63
C ASP D 114 30.30 -6.31 5.03
N GLN D 115 29.23 -5.87 4.38
CA GLN D 115 28.70 -4.55 4.66
C GLN D 115 28.04 -4.39 6.04
N LEU D 116 27.34 -5.44 6.48
CA LEU D 116 26.80 -5.47 7.83
C LEU D 116 27.90 -5.58 8.90
N ALA D 117 29.00 -6.29 8.58
CA ALA D 117 30.12 -6.40 9.53
C ALA D 117 30.75 -5.02 9.73
N VAL D 118 30.74 -4.21 8.68
CA VAL D 118 31.14 -2.81 8.80
C VAL D 118 30.24 -2.10 9.81
N ILE D 119 28.92 -2.27 9.69
CA ILE D 119 28.07 -1.54 10.63
C ILE D 119 28.20 -2.08 12.05
N GLU D 120 28.38 -3.39 12.21
CA GLU D 120 28.64 -3.97 13.53
C GLU D 120 29.80 -3.21 14.20
N ARG D 121 30.87 -3.02 13.43
CA ARG D 121 32.08 -2.43 14.00
C ARG D 121 31.85 -0.97 14.32
N GLU D 122 31.10 -0.28 13.47
CA GLU D 122 30.80 1.15 13.70
C GLU D 122 29.91 1.35 14.93
N THR D 123 29.05 0.38 15.22
CA THR D 123 28.00 0.55 16.21
C THR D 123 28.33 -0.10 17.53
N ASP D 124 29.29 -1.02 17.51
CA ASP D 124 29.56 -1.86 18.65
C ASP D 124 28.42 -2.83 18.96
N LYS D 125 27.63 -3.18 17.96
CA LYS D 125 26.54 -4.13 18.19
C LYS D 125 26.71 -5.34 17.29
N ARG D 126 25.90 -6.36 17.52
CA ARG D 126 26.09 -7.64 16.85
C ARG D 126 24.82 -8.12 16.15
N LEU D 127 25.02 -8.72 14.99
CA LEU D 127 23.96 -9.50 14.32
C LEU D 127 23.95 -11.01 14.56
N TYR D 128 22.80 -11.54 14.98
CA TYR D 128 22.61 -12.97 15.17
C TYR D 128 21.53 -13.48 14.23
N ASN D 129 21.70 -14.73 13.80
CA ASN D 129 20.89 -15.35 12.76
C ASN D 129 20.20 -16.57 13.34
N ILE D 130 18.94 -16.73 13.02
CA ILE D 130 18.20 -17.90 13.49
C ILE D 130 18.61 -19.10 12.64
N LEU D 131 19.43 -19.98 13.20
CA LEU D 131 19.80 -21.23 12.52
C LEU D 131 19.40 -22.43 13.37
N GLN D 132 18.11 -22.62 13.52
CA GLN D 132 17.59 -23.26 14.74
C GLN D 132 17.84 -24.75 14.69
N LEU D 133 18.05 -25.25 13.48
CA LEU D 133 18.37 -26.66 13.28
C LEU D 133 19.64 -27.07 14.02
N ARG D 134 20.46 -26.10 14.40
CA ARG D 134 21.75 -26.45 14.99
C ARG D 134 21.59 -26.86 16.45
N HIS D 135 20.50 -26.41 17.07
CA HIS D 135 20.21 -26.70 18.46
C HIS D 135 19.45 -28.02 18.58
N HIS D 136 19.19 -28.65 17.44
CA HIS D 136 18.35 -29.83 17.40
C HIS D 136 19.17 -31.08 17.72
N GLN D 137 18.64 -31.92 18.61
CA GLN D 137 19.40 -32.99 19.25
C GLN D 137 19.87 -34.08 18.29
N ALA D 138 19.21 -34.18 17.13
CA ALA D 138 19.54 -35.23 16.17
C ALA D 138 20.60 -34.80 15.18
N ILE D 139 20.63 -33.49 14.93
CA ILE D 139 21.62 -32.90 14.04
C ILE D 139 22.98 -32.84 14.72
N ILE D 140 22.98 -32.51 16.01
CA ILE D 140 24.21 -32.48 16.80
C ILE D 140 24.79 -33.89 16.92
N ALA D 141 23.92 -34.85 17.23
CA ALA D 141 24.32 -36.24 17.36
C ALA D 141 25.05 -36.73 16.10
N LEU D 142 24.52 -36.39 14.93
CA LEU D 142 25.12 -36.83 13.67
C LEU D 142 26.40 -36.07 13.39
N LYS D 143 26.46 -34.84 13.89
CA LYS D 143 27.68 -34.04 13.85
C LYS D 143 28.71 -34.59 14.82
N ASP D 144 28.29 -34.80 16.07
CA ASP D 144 29.10 -35.53 17.05
C ASP D 144 29.55 -36.87 16.48
N LYS D 145 28.63 -37.55 15.80
CA LYS D 145 28.84 -38.90 15.31
C LYS D 145 29.84 -38.94 14.14
N VAL D 146 29.53 -38.24 13.06
CA VAL D 146 30.49 -37.95 12.00
C VAL D 146 31.87 -37.49 12.51
N ALA D 147 31.91 -37.02 13.76
CA ALA D 147 33.17 -36.58 14.38
C ALA D 147 33.88 -37.72 15.09
N LYS D 154 33.68 -40.87 3.17
CA LYS D 154 32.86 -39.72 2.81
C LYS D 154 31.39 -40.11 2.66
N TYR D 155 30.57 -39.68 3.61
CA TYR D 155 29.18 -40.14 3.72
C TYR D 155 28.32 -39.92 2.48
N GLU D 156 27.24 -40.70 2.37
CA GLU D 156 26.38 -40.74 1.20
C GLU D 156 25.09 -39.94 1.41
N VAL D 157 25.10 -38.66 1.12
CA VAL D 157 23.99 -37.81 1.54
C VAL D 157 22.99 -37.45 0.44
N ASP D 158 21.73 -37.81 0.65
CA ASP D 158 20.65 -37.50 -0.29
C ASP D 158 19.54 -36.75 0.43
N LEU D 159 19.13 -35.62 -0.14
CA LEU D 159 18.26 -34.71 0.57
C LEU D 159 17.07 -34.38 -0.34
N THR D 160 15.86 -34.62 0.15
CA THR D 160 14.66 -34.24 -0.58
C THR D 160 13.76 -33.44 0.35
N TYR D 161 13.32 -32.29 -0.14
CA TYR D 161 12.39 -31.47 0.59
C TYR D 161 11.31 -31.01 -0.38
N ILE D 162 10.12 -31.52 -0.18
CA ILE D 162 9.03 -31.18 -1.07
C ILE D 162 7.87 -30.79 -0.19
N THR D 163 7.46 -29.54 -0.30
CA THR D 163 6.50 -29.01 0.65
C THR D 163 5.39 -28.42 -0.19
N SER D 164 4.20 -29.01 -0.10
CA SER D 164 3.08 -28.58 -0.95
C SER D 164 2.79 -27.11 -0.61
N ARG D 165 2.74 -26.23 -1.61
CA ARG D 165 2.24 -24.88 -1.36
C ARG D 165 1.07 -24.54 -2.31
N GLY D 166 0.00 -23.97 -1.79
CA GLY D 166 -1.15 -23.56 -2.59
C GLY D 166 -0.83 -22.37 -3.47
N ASN D 167 -1.82 -21.96 -4.27
CA ASN D 167 -1.64 -20.88 -5.21
C ASN D 167 -1.15 -19.59 -4.53
N TRP D 168 -1.57 -19.38 -3.28
CA TRP D 168 -1.19 -18.15 -2.56
C TRP D 168 0.34 -17.94 -2.55
N TYR D 169 1.11 -19.02 -2.50
CA TYR D 169 2.53 -18.89 -2.23
C TYR D 169 3.24 -18.17 -3.36
N LEU D 170 2.95 -18.56 -4.59
CA LEU D 170 3.59 -17.85 -5.68
C LEU D 170 3.03 -16.42 -5.90
N LYS D 171 1.84 -16.11 -5.35
CA LYS D 171 1.30 -14.74 -5.41
C LYS D 171 1.87 -13.83 -4.31
N SER D 172 2.50 -14.46 -3.30
CA SER D 172 3.13 -13.72 -2.21
C SER D 172 4.55 -13.28 -2.58
N TRP D 173 5.16 -12.52 -1.67
CA TRP D 173 6.55 -12.11 -1.88
C TRP D 173 7.46 -13.33 -2.02
N LYS D 174 7.00 -14.47 -1.51
CA LYS D 174 7.80 -15.69 -1.59
C LYS D 174 7.95 -16.17 -3.02
N GLY D 175 7.01 -15.79 -3.88
CA GLY D 175 7.10 -16.10 -5.32
C GLY D 175 7.71 -15.03 -6.20
N ASP D 176 8.17 -13.92 -5.62
CA ASP D 176 8.82 -12.89 -6.40
C ASP D 176 10.32 -13.04 -6.17
N PRO D 177 11.08 -13.46 -7.20
CA PRO D 177 12.51 -13.75 -7.03
C PRO D 177 13.28 -12.58 -6.49
N ARG D 178 12.84 -11.35 -6.80
CA ARG D 178 13.52 -10.15 -6.33
C ARG D 178 13.27 -9.85 -4.85
N LYS D 179 12.24 -10.47 -4.25
CA LYS D 179 11.95 -10.31 -2.82
C LYS D 179 12.41 -11.51 -1.99
N SER D 180 12.30 -12.70 -2.60
CA SER D 180 12.59 -13.97 -1.92
C SER D 180 14.00 -14.48 -2.13
N PHE D 181 14.57 -14.13 -3.29
CA PHE D 181 15.88 -14.61 -3.77
C PHE D 181 15.91 -16.06 -4.28
N GLY D 182 14.74 -16.62 -4.52
CA GLY D 182 14.65 -17.96 -5.14
C GLY D 182 14.48 -19.11 -4.16
N VAL D 183 14.16 -20.28 -4.70
CA VAL D 183 14.12 -21.56 -3.95
C VAL D 183 15.31 -21.90 -3.03
N ALA D 184 16.51 -21.97 -3.58
CA ALA D 184 17.68 -22.34 -2.80
C ALA D 184 17.84 -21.42 -1.60
N THR D 185 17.70 -20.13 -1.83
CA THR D 185 17.95 -19.19 -0.76
C THR D 185 16.81 -19.14 0.25
N ASN D 186 15.57 -19.18 -0.26
CA ASN D 186 14.41 -19.08 0.62
C ASN D 186 14.04 -20.41 1.28
N ILE D 187 14.07 -21.49 0.51
CA ILE D 187 13.55 -22.76 1.01
C ILE D 187 14.63 -23.71 1.46
N GLY D 188 15.79 -23.59 0.85
CA GLY D 188 16.93 -24.48 1.15
C GLY D 188 17.98 -24.01 2.14
N VAL D 189 18.06 -22.70 2.40
CA VAL D 189 19.23 -22.17 3.10
C VAL D 189 19.62 -22.93 4.38
N HIS D 190 18.65 -23.31 5.20
CA HIS D 190 19.02 -23.83 6.53
C HIS D 190 19.39 -25.31 6.45
N PHE D 191 18.98 -25.94 5.36
CA PHE D 191 19.46 -27.27 4.98
C PHE D 191 20.89 -27.30 4.46
N TYR D 192 21.28 -26.27 3.71
CA TYR D 192 22.71 -26.07 3.39
C TYR D 192 23.55 -25.72 4.61
N ASP D 193 23.04 -24.83 5.46
CA ASP D 193 23.72 -24.54 6.70
C ASP D 193 23.95 -25.82 7.49
N MET D 194 22.95 -26.69 7.49
CA MET D 194 23.00 -27.92 8.30
C MET D 194 24.07 -28.88 7.80
N LEU D 195 24.18 -29.01 6.48
CA LEU D 195 25.13 -29.91 5.87
C LEU D 195 26.57 -29.47 6.11
N HIS D 196 26.77 -28.17 6.35
CA HIS D 196 28.11 -27.65 6.60
C HIS D 196 28.45 -27.85 8.07
N PHE D 197 27.41 -27.83 8.89
CA PHE D 197 27.53 -27.95 10.33
C PHE D 197 27.89 -29.38 10.72
N ILE D 198 27.55 -30.33 9.85
CA ILE D 198 27.80 -31.74 10.10
C ILE D 198 29.02 -32.19 9.33
N PHE D 199 29.09 -31.79 8.06
CA PHE D 199 30.04 -32.36 7.13
C PHE D 199 31.06 -31.35 6.61
N GLY D 200 31.30 -30.30 7.38
CA GLY D 200 32.47 -29.45 7.14
C GLY D 200 32.34 -28.55 5.91
N LYS D 201 33.48 -28.20 5.32
CA LYS D 201 33.56 -27.09 4.38
C LYS D 201 33.33 -27.51 2.93
N LEU D 202 32.71 -26.63 2.16
CA LEU D 202 32.27 -26.96 0.81
C LEU D 202 33.41 -26.88 -0.19
N GLN D 203 33.46 -27.83 -1.11
CA GLN D 203 34.49 -27.86 -2.13
C GLN D 203 33.93 -27.80 -3.55
N ARG D 204 32.75 -28.37 -3.76
CA ARG D 204 32.10 -28.23 -5.07
C ARG D 204 30.59 -28.01 -4.98
N ASN D 205 30.04 -27.38 -6.00
CA ASN D 205 28.71 -26.79 -5.91
C ASN D 205 28.15 -26.65 -7.31
N VAL D 206 27.30 -27.59 -7.71
CA VAL D 206 26.80 -27.63 -9.07
C VAL D 206 25.28 -27.74 -9.07
N VAL D 207 24.66 -27.16 -10.09
CA VAL D 207 23.20 -27.06 -10.17
C VAL D 207 22.67 -27.74 -11.45
N HIS D 208 21.74 -28.67 -11.27
CA HIS D 208 21.21 -29.46 -12.38
C HIS D 208 19.86 -28.91 -12.89
N PHE D 209 19.07 -28.33 -12.00
CA PHE D 209 17.76 -27.80 -12.39
C PHE D 209 17.30 -26.64 -11.50
N THR D 210 16.58 -25.69 -12.11
CA THR D 210 16.03 -24.55 -11.37
C THR D 210 14.78 -23.92 -12.00
N SER D 211 13.73 -23.76 -11.20
CA SER D 211 12.50 -23.07 -11.61
C SER D 211 11.85 -22.31 -10.43
N GLU D 212 10.73 -21.63 -10.67
CA GLU D 212 10.02 -21.02 -9.55
C GLU D 212 9.40 -22.04 -8.58
N TYR D 213 9.13 -23.27 -9.06
CA TYR D 213 8.58 -24.34 -8.21
C TYR D 213 9.66 -25.17 -7.47
N LYS D 214 10.85 -25.27 -8.05
CA LYS D 214 11.76 -26.37 -7.67
C LYS D 214 13.19 -26.16 -8.12
N THR D 215 14.10 -26.91 -7.51
CA THR D 215 15.55 -26.83 -7.78
C THR D 215 16.28 -28.09 -7.30
N ALA D 216 17.41 -28.37 -7.94
CA ALA D 216 18.14 -29.63 -7.78
C ALA D 216 19.64 -29.47 -8.12
N GLY D 217 20.51 -30.01 -7.28
CA GLY D 217 21.95 -30.00 -7.61
C GLY D 217 22.83 -30.93 -6.79
N TYR D 218 24.14 -30.72 -6.93
CA TYR D 218 25.19 -31.50 -6.23
C TYR D 218 26.15 -30.64 -5.40
N LEU D 219 26.29 -30.98 -4.12
CA LEU D 219 27.26 -30.37 -3.22
C LEU D 219 28.29 -31.37 -2.66
N GLU D 220 29.59 -31.04 -2.74
CA GLU D 220 30.66 -31.92 -2.18
C GLU D 220 31.38 -31.29 -0.99
N TYR D 221 31.27 -31.89 0.19
CA TYR D 221 31.92 -31.35 1.37
C TYR D 221 33.19 -32.14 1.65
N GLU D 222 33.85 -31.83 2.76
CA GLU D 222 35.01 -32.61 3.18
C GLU D 222 34.58 -34.03 3.54
N GLN D 223 33.37 -34.16 4.06
CA GLN D 223 32.92 -35.42 4.68
C GLN D 223 31.68 -36.01 4.03
N ALA D 224 31.06 -35.29 3.09
CA ALA D 224 29.79 -35.72 2.50
C ALA D 224 29.73 -35.49 0.99
N ARG D 225 29.14 -36.44 0.28
CA ARG D 225 28.69 -36.22 -1.09
C ARG D 225 27.17 -36.05 -1.04
N VAL D 226 26.69 -34.86 -1.38
CA VAL D 226 25.29 -34.51 -1.14
C VAL D 226 24.57 -34.20 -2.46
N ARG D 227 23.56 -35.01 -2.78
CA ARG D 227 22.63 -34.73 -3.90
C ARG D 227 21.32 -34.14 -3.34
N TRP D 228 20.83 -33.05 -3.94
CA TRP D 228 19.71 -32.29 -3.35
C TRP D 228 18.53 -31.96 -4.29
N PHE D 229 17.33 -31.89 -3.70
CA PHE D 229 16.08 -31.59 -4.41
C PHE D 229 15.10 -30.84 -3.51
N LEU D 230 14.73 -29.62 -3.91
CA LEU D 230 13.75 -28.77 -3.20
C LEU D 230 12.57 -28.43 -4.14
N SER D 231 11.35 -28.42 -3.58
CA SER D 231 10.16 -28.12 -4.38
C SER D 231 9.00 -27.66 -3.51
N VAL D 232 8.20 -26.74 -4.07
CA VAL D 232 6.91 -26.37 -3.50
C VAL D 232 5.76 -26.91 -4.34
N ASP D 233 6.06 -27.80 -5.28
CA ASP D 233 5.07 -28.39 -6.19
C ASP D 233 4.60 -29.73 -5.60
N ALA D 234 3.34 -29.81 -5.21
CA ALA D 234 2.79 -31.06 -4.65
C ALA D 234 2.94 -32.27 -5.58
N ASN D 235 3.03 -32.01 -6.88
CA ASN D 235 3.07 -33.09 -7.88
C ASN D 235 4.39 -33.86 -7.83
N ASP D 236 5.42 -33.24 -7.25
CA ASP D 236 6.71 -33.91 -7.03
C ASP D 236 6.67 -34.91 -5.89
N LEU D 237 5.56 -34.95 -5.17
CA LEU D 237 5.41 -35.90 -4.07
C LEU D 237 5.54 -37.31 -4.63
N PRO D 238 6.35 -38.16 -3.97
CA PRO D 238 6.42 -39.55 -4.39
C PRO D 238 5.02 -40.15 -4.38
N GLU D 239 4.72 -41.06 -5.30
CA GLU D 239 3.44 -41.76 -5.31
C GLU D 239 3.05 -42.19 -3.90
N SER D 240 4.04 -42.57 -3.12
CA SER D 240 3.79 -43.19 -1.83
C SER D 240 3.28 -42.22 -0.77
N VAL D 241 3.28 -40.93 -1.06
CA VAL D 241 2.99 -39.93 -0.03
C VAL D 241 1.82 -39.04 -0.43
N LYS D 242 1.56 -38.99 -1.73
CA LYS D 242 0.38 -38.30 -2.23
C LYS D 242 -0.87 -38.76 -1.49
N GLY D 243 -1.72 -37.80 -1.13
CA GLY D 243 -2.99 -38.11 -0.48
C GLY D 243 -2.90 -38.15 1.03
N LYS D 244 -1.68 -38.08 1.57
CA LYS D 244 -1.50 -38.29 3.02
C LYS D 244 -0.89 -37.11 3.77
N LYS D 245 0.38 -36.82 3.49
CA LYS D 245 1.09 -35.73 4.13
C LYS D 245 1.30 -34.66 3.07
N PRO D 246 1.12 -33.38 3.42
CA PRO D 246 1.48 -32.37 2.42
C PRO D 246 2.99 -32.16 2.20
N THR D 247 3.83 -32.56 3.16
CA THR D 247 5.29 -32.41 3.02
C THR D 247 6.01 -33.76 2.98
N TYR D 248 6.94 -33.92 2.03
CA TYR D 248 7.88 -35.06 2.00
C TYR D 248 9.31 -34.62 2.30
N ARG D 249 9.77 -34.86 3.52
CA ARG D 249 11.16 -34.61 3.87
C ARG D 249 11.95 -35.92 4.05
N SER D 250 12.97 -36.10 3.22
CA SER D 250 13.82 -37.29 3.24
C SER D 250 15.30 -36.91 3.19
N ILE D 251 16.00 -37.11 4.31
CA ILE D 251 17.46 -37.02 4.32
C ILE D 251 18.07 -38.36 4.73
N THR D 252 18.71 -39.01 3.76
CA THR D 252 19.44 -40.25 4.01
C THR D 252 20.96 -40.06 3.99
N VAL D 253 21.62 -40.70 4.94
CA VAL D 253 23.08 -40.77 4.97
C VAL D 253 23.50 -42.21 4.67
N ASN D 254 23.99 -42.47 3.45
CA ASN D 254 24.31 -43.83 2.99
C ASN D 254 23.11 -44.79 2.87
N GLY D 255 21.91 -44.25 3.14
CA GLY D 255 20.70 -45.06 3.04
C GLY D 255 19.79 -44.96 4.25
N GLU D 256 20.24 -44.26 5.28
CA GLU D 256 19.56 -44.27 6.58
C GLU D 256 18.77 -43.00 6.85
N GLU D 257 17.47 -43.05 6.59
CA GLU D 257 16.59 -41.91 6.85
C GLU D 257 16.72 -41.43 8.29
N MET D 258 17.42 -40.31 8.47
CA MET D 258 17.54 -39.67 9.78
C MET D 258 16.20 -39.75 10.54
N ASP D 266 9.90 -22.96 20.65
CA ASP D 266 10.50 -24.27 20.90
C ASP D 266 11.98 -24.20 20.52
N LEU D 267 12.30 -24.61 19.30
CA LEU D 267 13.64 -24.40 18.80
C LEU D 267 13.97 -22.91 18.62
N HIS D 268 12.93 -22.10 18.41
CA HIS D 268 13.08 -20.64 18.38
C HIS D 268 13.30 -20.10 19.79
N THR D 269 12.58 -20.63 20.76
CA THR D 269 12.80 -20.21 22.15
C THR D 269 14.22 -20.62 22.56
N THR D 270 14.62 -21.84 22.23
CA THR D 270 16.01 -22.27 22.37
C THR D 270 17.00 -21.34 21.67
N SER D 271 16.75 -20.98 20.41
CA SER D 271 17.63 -20.07 19.70
C SER D 271 17.83 -18.79 20.49
N TYR D 272 16.73 -18.25 21.06
CA TYR D 272 16.77 -16.97 21.78
C TYR D 272 17.55 -17.19 23.07
N GLU D 273 17.35 -18.33 23.72
CA GLU D 273 18.11 -18.64 24.94
C GLU D 273 19.62 -18.54 24.68
N GLU D 274 20.08 -19.20 23.62
CA GLU D 274 21.50 -19.22 23.24
C GLU D 274 22.03 -17.85 22.91
N ILE D 275 21.29 -17.10 22.10
CA ILE D 275 21.68 -15.73 21.88
C ILE D 275 21.84 -14.92 23.16
N LEU D 276 20.88 -15.03 24.08
CA LEU D 276 20.88 -14.22 25.28
C LEU D 276 22.07 -14.59 26.20
N ALA D 277 22.48 -15.85 26.13
CA ALA D 277 23.58 -16.37 26.94
C ALA D 277 24.94 -16.10 26.29
N GLY D 278 24.92 -15.40 25.17
CA GLY D 278 26.16 -15.03 24.50
C GLY D 278 26.66 -16.06 23.51
N ARG D 279 25.82 -17.02 23.15
CA ARG D 279 26.24 -18.06 22.23
C ARG D 279 25.49 -18.00 20.89
N GLY D 280 25.11 -16.79 20.47
CA GLY D 280 24.38 -16.63 19.22
C GLY D 280 25.27 -16.94 18.03
N TYR D 281 24.63 -17.25 16.91
CA TYR D 281 25.27 -17.42 15.63
C TYR D 281 25.33 -16.14 14.86
N GLY D 282 26.54 -15.72 14.54
CA GLY D 282 26.76 -14.41 13.96
C GLY D 282 27.08 -14.51 12.48
N ILE D 283 27.60 -13.42 11.93
CA ILE D 283 27.96 -13.34 10.51
C ILE D 283 28.97 -14.40 10.03
N ASP D 284 30.04 -14.60 10.80
CA ASP D 284 31.04 -15.62 10.52
C ASP D 284 30.40 -17.01 10.44
N ASP D 285 29.43 -17.27 11.31
CA ASP D 285 28.71 -18.54 11.28
C ASP D 285 27.73 -18.68 10.11
N ALA D 286 27.11 -17.58 9.70
CA ALA D 286 26.12 -17.62 8.63
C ALA D 286 26.80 -17.56 7.28
N ARG D 287 28.06 -17.19 7.29
CA ARG D 287 28.70 -16.84 6.05
C ARG D 287 28.72 -17.94 5.00
N HIS D 288 28.99 -19.19 5.41
CA HIS D 288 29.15 -20.28 4.43
C HIS D 288 27.86 -20.56 3.67
N CYS D 289 26.77 -20.60 4.40
CA CYS D 289 25.47 -20.89 3.77
C CYS D 289 25.00 -19.77 2.85
N VAL D 290 25.31 -18.53 3.20
CA VAL D 290 25.00 -17.39 2.33
C VAL D 290 25.82 -17.51 1.05
N GLU D 291 27.10 -17.85 1.22
CA GLU D 291 27.95 -18.15 0.09
C GLU D 291 27.39 -19.30 -0.74
N THR D 292 26.90 -20.34 -0.09
CA THR D 292 26.44 -21.50 -0.83
C THR D 292 25.24 -21.18 -1.74
N VAL D 293 24.27 -20.47 -1.19
CA VAL D 293 23.02 -20.21 -1.89
C VAL D 293 23.21 -19.11 -2.93
N ASN D 294 24.15 -18.21 -2.65
CA ASN D 294 24.47 -17.17 -3.58
C ASN D 294 25.06 -17.76 -4.86
N THR D 295 25.95 -18.74 -4.71
CA THR D 295 26.48 -19.45 -5.87
C THR D 295 25.38 -20.21 -6.61
N ILE D 296 24.49 -20.86 -5.87
CA ILE D 296 23.40 -21.61 -6.46
C ILE D 296 22.46 -20.68 -7.23
N ARG D 297 22.07 -19.57 -6.61
CA ARG D 297 21.20 -18.59 -7.27
C ARG D 297 21.66 -18.16 -8.68
N SER D 298 22.96 -17.90 -8.84
CA SER D 298 23.51 -17.35 -10.08
C SER D 298 24.15 -18.42 -10.96
N ALA D 299 24.22 -19.65 -10.44
CA ALA D 299 24.96 -20.72 -11.11
C ALA D 299 24.30 -21.08 -12.43
N VAL D 300 25.10 -21.56 -13.37
CA VAL D 300 24.56 -21.97 -14.67
C VAL D 300 24.26 -23.47 -14.65
N ILE D 301 23.08 -23.86 -15.13
CA ILE D 301 22.68 -25.26 -15.07
C ILE D 301 23.61 -26.13 -15.94
N VAL D 302 23.85 -27.37 -15.50
CA VAL D 302 24.69 -28.31 -16.26
C VAL D 302 24.27 -29.76 -16.05
N PRO D 303 24.13 -30.51 -17.17
CA PRO D 303 23.73 -31.92 -17.10
C PRO D 303 24.63 -32.66 -16.12
N ALA D 304 24.03 -33.43 -15.23
CA ALA D 304 24.78 -34.15 -14.21
C ALA D 304 25.75 -35.16 -14.82
N SER D 305 26.62 -35.72 -13.97
CA SER D 305 27.56 -36.75 -14.36
C SER D 305 28.16 -37.36 -13.09
N ASP D 306 28.73 -38.55 -13.21
CA ASP D 306 29.24 -39.27 -12.05
C ASP D 306 28.09 -39.76 -11.16
N ASN D 307 26.88 -39.79 -11.71
CA ASN D 307 25.70 -40.05 -10.88
C ASN D 307 25.62 -39.01 -9.77
N GLU D 308 25.78 -37.75 -10.13
CA GLU D 308 25.74 -36.67 -9.15
C GLU D 308 24.33 -36.09 -9.04
N GLY D 309 23.53 -36.30 -10.08
CA GLY D 309 22.19 -35.72 -10.16
C GLY D 309 21.13 -36.46 -9.36
N HIS D 310 20.47 -35.76 -8.44
CA HIS D 310 19.37 -36.31 -7.66
C HIS D 310 18.49 -37.22 -8.50
N PRO D 311 18.02 -38.33 -7.90
CA PRO D 311 17.18 -39.28 -8.62
C PRO D 311 15.90 -38.63 -9.17
N PHE D 312 15.34 -37.67 -8.44
CA PHE D 312 14.11 -37.01 -8.87
C PHE D 312 14.29 -36.16 -10.14
N VAL D 313 15.54 -35.87 -10.50
CA VAL D 313 15.82 -35.21 -11.78
C VAL D 313 15.58 -36.16 -12.96
#